data_8V69
#
_entry.id   8V69
#
_cell.length_a   229.740
_cell.length_b   229.740
_cell.length_c   67.868
_cell.angle_alpha   90.00
_cell.angle_beta   90.00
_cell.angle_gamma   120.00
#
_symmetry.space_group_name_H-M   'H 3'
#
loop_
_entity.id
_entity.type
_entity.pdbx_description
1 polymer Saxiphilin
2 non-polymer 'PENTAETHYLENE GLYCOL'
3 non-polymer 'Gonyautoxin II'
4 water water
#
_entity_poly.entity_id   1
_entity_poly.type   'polypeptide(L)'
_entity_poly.pdbx_seq_one_letter_code
;MALTFHTALYFTIVGLSFAASDARHVQWCTISHLEQKKCNDLVGSCNVPDITLACVYRSSTENCMAAIKDGQADAMFLDS
GDVYKASLDHYNLKPIIAEPYSLHRELTKCLKHRQESLGGDKMVKGRYIPQCDEKGNYHPVQCHASTGYCWCVNANGEKI
EGTNTTPVQTPPTCPSQVLTKCLKERQEALGGKRIAIGRYIPQCDEQGNYRPMQCHGSTGYCWCVNAIGEKIEGTNTPPG
NTQPTCQSHDWDTCHYAVAVVKNSSTFQFGQLKGKRSCHSGLSKTDGWNAPVNVFVEKKLLPWDGLAKGSIERAVSKFFS
ASCIPGATETNLCKQCIGEEEKKCKSSHDEPYYGDHGAFRCLQEDKGDVAFLKNTALPDEHSGVYELLCPDNTRKPLNKY
KECNLGKVPADAVVTRKAGDKTKDINDFLLEAQKKKCKLFGSPHGKDLMFDDSTTHLAPLPSEIDAFFFLGVKWYNAMKA
LTEDVKLPSKNKVRWCTINKPEMMKCKDWAAVSGGAIACTEASCPEHCVKQILKGEADAVTLDVQYMYMALMCGLLPAVE
EYPNKDDFHPCQIPGSTIKDFGTKRAVALVKKSNKDIKWNNLKGKKSCHTHVGDIPGWVIPAGLISNQNDNIDIESFFGE
SCAPGSDTNSKLCKLCIGDPENPKASTRCSLSDKEAYYGNEGAFRCLVEKGDVAFVPHTVVFANTDGKNPAEWAKDLKSE
DFEILCLDGSRAPVTNYRGCNLSGLPPRAIVTREESVSDVVRILINQQSLYGRNGFEKDMFQMFSSAKGQNLLFNDETQC
LIEFDRQPKDIMEDYFGVRYYTAVYSASRSAVPSELIPACTFKHCSNSLEVLFQ
;
_entity_poly.pdbx_strand_id   A
#
loop_
_chem_comp.id
_chem_comp.type
_chem_comp.name
_chem_comp.formula
1PE non-polymer 'PENTAETHYLENE GLYCOL' 'C10 H22 O6'
YGQ non-polymer 'Gonyautoxin II' 'C10 H17 N7 O8 S'
#
# COMPACT_ATOMS: atom_id res chain seq x y z
N ARG A 24 -30.11 -0.05 11.50
CA ARG A 24 -28.92 -0.75 11.04
C ARG A 24 -28.48 -1.79 12.07
N HIS A 25 -28.00 -2.93 11.59
CA HIS A 25 -27.67 -4.05 12.47
C HIS A 25 -26.30 -4.60 12.11
N VAL A 26 -25.59 -5.12 13.11
CA VAL A 26 -24.36 -5.86 12.88
C VAL A 26 -24.53 -7.15 13.66
N GLN A 27 -24.42 -8.28 12.97
CA GLN A 27 -24.51 -9.58 13.63
C GLN A 27 -23.10 -10.16 13.79
N TRP A 28 -22.67 -10.33 15.02
CA TRP A 28 -21.32 -10.85 15.28
C TRP A 28 -21.40 -12.37 15.42
N CYS A 29 -20.50 -13.10 14.76
CA CYS A 29 -20.45 -14.56 14.92
C CYS A 29 -19.51 -14.92 16.06
N THR A 30 -20.01 -15.65 17.05
CA THR A 30 -19.19 -16.10 18.17
C THR A 30 -18.97 -17.61 18.06
N ILE A 31 -17.87 -18.11 18.63
CA ILE A 31 -17.47 -19.50 18.40
C ILE A 31 -17.62 -20.38 19.62
N SER A 32 -18.12 -19.83 20.72
CA SER A 32 -18.13 -20.59 21.95
C SER A 32 -19.25 -20.03 22.79
N HIS A 33 -19.64 -20.80 23.81
CA HIS A 33 -20.58 -20.30 24.81
C HIS A 33 -20.00 -19.13 25.59
N LEU A 34 -18.72 -19.22 25.97
CA LEU A 34 -18.09 -18.09 26.69
C LEU A 34 -18.12 -16.81 25.86
N GLU A 35 -17.75 -16.89 24.59
CA GLU A 35 -17.73 -15.70 23.76
C GLU A 35 -19.13 -15.15 23.54
N GLN A 36 -20.11 -16.06 23.37
CA GLN A 36 -21.50 -15.59 23.16
C GLN A 36 -21.99 -14.82 24.38
N LYS A 37 -21.63 -15.30 25.58
CA LYS A 37 -21.92 -14.57 26.82
C LYS A 37 -21.33 -13.17 26.81
N LYS A 38 -20.04 -13.04 26.47
CA LYS A 38 -19.45 -11.71 26.39
C LYS A 38 -20.11 -10.87 25.31
N CYS A 39 -20.32 -11.44 24.12
CA CYS A 39 -20.96 -10.64 23.08
C CYS A 39 -22.35 -10.19 23.53
N ASN A 40 -23.09 -11.07 24.21
CA ASN A 40 -24.39 -10.68 24.76
C ASN A 40 -24.29 -9.54 25.80
N ASP A 41 -23.26 -9.55 26.65
CA ASP A 41 -23.12 -8.41 27.58
C ASP A 41 -22.94 -7.10 26.85
N LEU A 42 -22.16 -7.10 25.79
CA LEU A 42 -21.96 -5.89 25.00
C LEU A 42 -23.25 -5.38 24.37
N VAL A 43 -24.15 -6.29 23.96
CA VAL A 43 -25.44 -5.83 23.43
C VAL A 43 -26.13 -4.94 24.44
N GLY A 44 -26.09 -5.35 25.71
CA GLY A 44 -26.65 -4.53 26.77
C GLY A 44 -25.80 -3.32 27.11
N SER A 45 -24.50 -3.53 27.33
CA SER A 45 -23.75 -2.44 27.96
C SER A 45 -23.31 -1.38 26.97
N CYS A 46 -23.22 -1.70 25.69
CA CYS A 46 -22.61 -0.80 24.72
C CYS A 46 -23.71 -0.16 23.90
N ASN A 47 -23.90 1.14 24.06
CA ASN A 47 -25.00 1.78 23.35
C ASN A 47 -24.42 2.68 22.25
N VAL A 48 -24.46 2.18 21.03
CA VAL A 48 -24.10 2.97 19.86
C VAL A 48 -25.41 3.38 19.18
N PRO A 49 -25.73 4.68 19.15
CA PRO A 49 -26.96 5.09 18.49
C PRO A 49 -26.91 4.76 17.00
N ASP A 50 -28.02 4.23 16.51
CA ASP A 50 -28.27 3.96 15.09
C ASP A 50 -27.77 2.59 14.67
N ILE A 51 -26.89 1.94 15.43
CA ILE A 51 -26.42 0.62 15.04
C ILE A 51 -26.62 -0.32 16.21
N THR A 52 -27.28 -1.43 15.94
CA THR A 52 -27.54 -2.42 16.97
C THR A 52 -26.67 -3.64 16.72
N LEU A 53 -26.03 -4.11 17.77
CA LEU A 53 -25.25 -5.33 17.73
C LEU A 53 -26.15 -6.51 18.06
N ALA A 54 -25.90 -7.63 17.39
CA ALA A 54 -26.52 -8.88 17.82
C ALA A 54 -25.49 -9.99 17.70
N CYS A 55 -25.73 -11.07 18.45
CA CYS A 55 -24.77 -12.17 18.56
C CYS A 55 -25.36 -13.46 18.02
N VAL A 56 -24.60 -14.16 17.17
CA VAL A 56 -25.00 -15.43 16.58
C VAL A 56 -23.99 -16.53 16.92
N TYR A 57 -24.43 -17.56 17.64
CA TYR A 57 -23.53 -18.62 18.10
C TYR A 57 -23.34 -19.69 17.04
N ARG A 58 -22.09 -20.13 16.89
CA ARG A 58 -21.73 -21.34 16.17
C ARG A 58 -20.62 -22.02 16.96
N SER A 59 -20.35 -23.28 16.64
CA SER A 59 -19.59 -24.11 17.55
C SER A 59 -18.09 -24.07 17.30
N SER A 60 -17.61 -23.41 16.24
CA SER A 60 -16.19 -23.42 15.94
C SER A 60 -15.89 -22.27 15.01
N THR A 61 -14.58 -22.00 14.84
CA THR A 61 -14.14 -20.95 13.93
C THR A 61 -14.63 -21.20 12.51
N GLU A 62 -14.52 -22.43 12.01
CA GLU A 62 -14.92 -22.72 10.63
C GLU A 62 -16.43 -22.63 10.46
N ASN A 63 -17.21 -23.02 11.47
CA ASN A 63 -18.65 -22.90 11.27
C ASN A 63 -19.07 -21.43 11.23
N CYS A 64 -18.31 -20.54 11.90
CA CYS A 64 -18.62 -19.12 11.84
C CYS A 64 -18.24 -18.56 10.48
N MET A 65 -17.06 -18.92 9.98
CA MET A 65 -16.66 -18.54 8.63
C MET A 65 -17.76 -18.86 7.61
N ALA A 66 -18.29 -20.08 7.66
CA ALA A 66 -19.40 -20.47 6.77
C ALA A 66 -20.66 -19.65 7.03
N ALA A 67 -20.98 -19.36 8.31
CA ALA A 67 -22.15 -18.50 8.60
C ALA A 67 -21.99 -17.12 7.97
N ILE A 68 -20.79 -16.57 7.98
CA ILE A 68 -20.63 -15.24 7.41
C ILE A 68 -20.76 -15.31 5.90
N LYS A 69 -20.16 -16.32 5.30
CA LYS A 69 -20.29 -16.49 3.84
C LYS A 69 -21.77 -16.62 3.44
N ASP A 70 -22.54 -17.25 4.28
CA ASP A 70 -23.94 -17.53 3.96
C ASP A 70 -24.88 -16.41 4.37
N GLY A 71 -24.39 -15.37 5.04
CA GLY A 71 -25.27 -14.28 5.43
C GLY A 71 -25.94 -14.50 6.76
N GLN A 72 -25.67 -15.62 7.44
CA GLN A 72 -26.20 -15.82 8.79
C GLN A 72 -25.62 -14.84 9.81
N ALA A 73 -24.44 -14.28 9.51
CA ALA A 73 -23.81 -13.29 10.38
C ALA A 73 -22.93 -12.43 9.50
N ASP A 74 -22.32 -11.39 10.08
CA ASP A 74 -21.60 -10.36 9.32
C ASP A 74 -20.10 -10.25 9.61
N ALA A 75 -19.63 -10.61 10.79
CA ALA A 75 -18.26 -10.24 11.21
C ALA A 75 -17.77 -11.19 12.29
N MET A 76 -16.47 -11.45 12.26
CA MET A 76 -15.81 -12.13 13.38
C MET A 76 -14.35 -11.71 13.34
N PHE A 77 -13.67 -11.90 14.45
CA PHE A 77 -12.23 -11.60 14.56
C PHE A 77 -11.44 -12.89 14.32
N LEU A 78 -10.44 -12.84 13.43
CA LEU A 78 -9.71 -14.06 13.11
C LEU A 78 -8.20 -13.89 13.28
N ASP A 79 -7.58 -14.95 13.76
CA ASP A 79 -6.14 -15.12 13.67
C ASP A 79 -5.71 -15.04 12.23
N SER A 80 -4.49 -14.49 12.02
CA SER A 80 -3.96 -14.35 10.66
C SER A 80 -3.97 -15.65 9.87
N GLY A 81 -3.73 -16.79 10.51
CA GLY A 81 -3.79 -18.05 9.76
C GLY A 81 -5.19 -18.33 9.22
N ASP A 82 -6.22 -18.06 10.01
CA ASP A 82 -7.60 -18.16 9.52
C ASP A 82 -7.95 -17.04 8.56
N VAL A 83 -7.34 -15.86 8.69
CA VAL A 83 -7.58 -14.85 7.66
C VAL A 83 -7.18 -15.43 6.31
N TYR A 84 -6.06 -16.15 6.27
CA TYR A 84 -5.63 -16.74 5.01
C TYR A 84 -6.62 -17.81 4.55
N LYS A 85 -6.97 -18.71 5.44
CA LYS A 85 -7.88 -19.80 5.05
C LYS A 85 -9.23 -19.23 4.61
N ALA A 86 -9.69 -18.13 5.25
CA ALA A 86 -11.00 -17.57 4.91
C ALA A 86 -10.98 -16.84 3.59
N SER A 87 -9.80 -16.45 3.11
CA SER A 87 -9.70 -15.74 1.84
C SER A 87 -9.88 -16.66 0.63
N LEU A 88 -9.86 -17.98 0.81
CA LEU A 88 -9.93 -18.93 -0.30
C LEU A 88 -11.39 -19.12 -0.77
N ASP A 89 -11.54 -19.78 -1.91
CA ASP A 89 -12.84 -19.79 -2.59
C ASP A 89 -13.92 -20.47 -1.78
N HIS A 90 -13.57 -21.33 -0.82
CA HIS A 90 -14.65 -21.94 -0.03
C HIS A 90 -15.43 -20.90 0.79
N TYR A 91 -14.78 -19.81 1.24
CA TYR A 91 -15.46 -18.87 2.14
C TYR A 91 -15.54 -17.46 1.61
N ASN A 92 -14.52 -17.00 0.91
CA ASN A 92 -14.52 -15.69 0.25
C ASN A 92 -14.74 -14.55 1.24
N LEU A 93 -13.92 -14.55 2.31
CA LEU A 93 -13.95 -13.45 3.31
C LEU A 93 -12.70 -12.60 3.19
N LYS A 94 -12.76 -11.36 3.69
CA LYS A 94 -11.59 -10.50 3.60
C LYS A 94 -11.40 -9.74 4.91
N PRO A 95 -10.16 -9.35 5.25
CA PRO A 95 -9.93 -8.56 6.47
C PRO A 95 -10.34 -7.12 6.23
N ILE A 96 -10.99 -6.50 7.22
CA ILE A 96 -11.39 -5.09 7.09
C ILE A 96 -10.91 -4.20 8.25
N ILE A 97 -10.63 -4.73 9.45
CA ILE A 97 -10.26 -3.90 10.60
C ILE A 97 -9.20 -4.64 11.36
N ALA A 98 -8.19 -3.91 11.89
CA ALA A 98 -7.13 -4.56 12.65
C ALA A 98 -6.42 -3.54 13.51
N GLU A 99 -5.68 -3.99 14.51
CA GLU A 99 -4.79 -3.05 15.28
C GLU A 99 -3.60 -2.56 14.46
N PRO A 100 -3.39 -1.23 14.30
CA PRO A 100 -2.13 -0.73 13.70
C PRO A 100 -0.88 -1.16 14.46
N TYR A 101 0.18 -1.43 13.70
CA TYR A 101 1.47 -1.79 14.30
C TYR A 101 2.56 -1.05 13.55
N SER A 102 3.79 -1.15 14.07
CA SER A 102 4.91 -0.36 13.61
C SER A 102 6.14 -1.27 13.51
N LEU A 103 6.98 -1.04 12.51
CA LEU A 103 8.16 -1.89 12.34
C LEU A 103 9.43 -1.26 12.92
N HIS A 104 9.62 0.05 12.76
CA HIS A 104 10.82 0.76 13.18
C HIS A 104 10.42 2.24 13.27
N ARG A 105 11.26 3.04 13.89
CA ARG A 105 10.90 4.45 14.02
C ARG A 105 11.05 5.09 12.64
N GLU A 106 10.17 6.01 12.31
CA GLU A 106 10.18 6.69 11.02
C GLU A 106 10.27 8.18 11.26
N LEU A 107 10.78 8.89 10.25
CA LEU A 107 10.70 10.35 10.16
C LEU A 107 9.26 10.81 10.38
N THR A 108 9.07 11.95 11.06
CA THR A 108 7.69 12.45 11.11
C THR A 108 7.21 12.84 9.70
N LYS A 109 5.90 12.87 9.52
CA LYS A 109 5.34 13.22 8.21
C LYS A 109 5.75 14.63 7.75
N CYS A 110 5.72 15.62 8.66
CA CYS A 110 6.13 16.97 8.24
C CYS A 110 7.59 17.00 7.78
N LEU A 111 8.49 16.33 8.52
CA LEU A 111 9.90 16.40 8.09
C LEU A 111 10.12 15.63 6.77
N LYS A 112 9.41 14.53 6.57
CA LYS A 112 9.51 13.85 5.27
C LYS A 112 9.00 14.76 4.14
N HIS A 113 7.85 15.39 4.36
CA HIS A 113 7.31 16.30 3.35
C HIS A 113 8.27 17.43 3.05
N ARG A 114 8.90 18.01 4.10
CA ARG A 114 9.88 19.08 3.87
C ARG A 114 11.04 18.56 3.01
N GLN A 115 11.59 17.40 3.36
CA GLN A 115 12.71 16.86 2.58
C GLN A 115 12.31 16.58 1.13
N GLU A 116 11.12 16.00 0.90
CA GLU A 116 10.66 15.74 -0.49
C GLU A 116 10.52 17.05 -1.25
N SER A 117 9.89 18.04 -0.65
CA SER A 117 9.63 19.22 -1.45
C SER A 117 10.90 20.05 -1.63
N LEU A 118 11.83 19.98 -0.68
CA LEU A 118 13.14 20.62 -0.93
C LEU A 118 13.96 19.86 -1.97
N GLY A 119 13.68 18.57 -2.18
CA GLY A 119 14.35 17.84 -3.25
C GLY A 119 13.73 17.99 -4.63
N GLY A 120 12.66 18.75 -4.76
CA GLY A 120 12.05 18.94 -6.05
C GLY A 120 12.92 19.81 -6.96
N ASP A 121 12.39 19.99 -8.17
CA ASP A 121 13.06 20.73 -9.23
C ASP A 121 13.04 22.21 -8.94
N LYS A 122 14.23 22.80 -8.77
CA LYS A 122 14.25 24.21 -8.38
C LYS A 122 13.83 25.12 -9.51
N MET A 123 13.82 24.62 -10.76
CA MET A 123 13.28 25.44 -11.84
C MET A 123 11.78 25.58 -11.76
N VAL A 124 11.09 24.75 -10.96
CA VAL A 124 9.67 24.95 -10.69
C VAL A 124 9.63 25.86 -9.46
N LYS A 125 9.49 27.16 -9.70
CA LYS A 125 9.70 28.15 -8.63
C LYS A 125 8.41 28.33 -7.85
N GLY A 126 8.56 28.78 -6.60
CA GLY A 126 7.41 29.16 -5.80
C GLY A 126 6.57 28.01 -5.29
N ARG A 127 7.19 26.90 -4.90
CA ARG A 127 6.42 25.76 -4.45
C ARG A 127 6.23 25.85 -2.94
N TYR A 128 5.20 25.17 -2.43
CA TYR A 128 4.94 25.16 -0.99
C TYR A 128 5.93 24.24 -0.29
N ILE A 129 6.61 24.74 0.75
CA ILE A 129 7.50 23.97 1.60
C ILE A 129 6.89 24.00 3.00
N PRO A 130 6.54 22.84 3.59
CA PRO A 130 5.83 22.84 4.89
C PRO A 130 6.68 23.45 6.02
N GLN A 131 6.01 23.90 7.07
CA GLN A 131 6.66 24.47 8.25
C GLN A 131 6.44 23.51 9.42
N CYS A 132 7.51 22.94 9.94
CA CYS A 132 7.45 22.00 11.05
C CYS A 132 7.89 22.67 12.35
N ASP A 133 7.43 22.13 13.47
CA ASP A 133 7.68 22.70 14.79
C ASP A 133 8.80 21.90 15.46
N GLU A 134 9.09 22.22 16.72
CA GLU A 134 10.27 21.68 17.42
C GLU A 134 10.18 20.17 17.70
N LYS A 135 8.99 19.56 17.56
CA LYS A 135 8.83 18.11 17.64
C LYS A 135 8.80 17.46 16.25
N GLY A 136 8.87 18.25 15.20
CA GLY A 136 8.78 17.73 13.85
C GLY A 136 7.37 17.59 13.32
N ASN A 137 6.39 18.09 14.02
CA ASN A 137 5.03 18.09 13.49
C ASN A 137 4.71 19.36 12.73
N TYR A 138 3.59 19.31 11.99
CA TYR A 138 3.12 20.48 11.26
C TYR A 138 2.62 21.53 12.23
N HIS A 139 3.10 22.76 12.08
CA HIS A 139 2.36 23.86 12.68
C HIS A 139 0.92 23.82 12.18
N PRO A 140 -0.06 24.02 13.04
CA PRO A 140 -1.45 24.01 12.58
C PRO A 140 -1.73 25.05 11.50
N VAL A 141 -1.01 26.17 11.49
CA VAL A 141 -1.12 27.18 10.44
C VAL A 141 -0.02 26.91 9.44
N GLN A 142 -0.38 26.62 8.19
CA GLN A 142 0.60 26.47 7.13
C GLN A 142 0.46 27.63 6.13
N CYS A 143 1.57 28.07 5.54
CA CYS A 143 1.58 29.21 4.64
C CYS A 143 2.43 28.94 3.41
N HIS A 144 2.10 29.63 2.35
CA HIS A 144 2.74 29.45 1.06
C HIS A 144 3.48 30.74 0.75
N ALA A 145 4.82 30.69 0.82
CA ALA A 145 5.62 31.91 0.85
C ALA A 145 5.35 32.79 -0.37
N SER A 146 5.42 32.20 -1.56
CA SER A 146 5.30 32.99 -2.79
C SER A 146 3.90 33.55 -3.03
N THR A 147 2.86 33.02 -2.42
CA THR A 147 1.53 33.59 -2.62
C THR A 147 0.96 34.28 -1.38
N GLY A 148 1.61 34.18 -0.23
CA GLY A 148 1.08 34.77 1.00
C GLY A 148 -0.22 34.18 1.51
N TYR A 149 -0.68 33.05 0.96
CA TYR A 149 -1.87 32.36 1.46
C TYR A 149 -1.52 31.50 2.66
N CYS A 150 -2.41 31.42 3.63
CA CYS A 150 -2.25 30.53 4.77
C CYS A 150 -3.53 29.73 4.94
N TRP A 151 -3.42 28.60 5.62
CA TRP A 151 -4.60 27.76 5.86
C TRP A 151 -4.34 26.90 7.08
N CYS A 152 -5.37 26.20 7.55
CA CYS A 152 -5.22 25.26 8.68
C CYS A 152 -5.01 23.85 8.15
N VAL A 153 -4.32 23.00 8.93
CA VAL A 153 -4.08 21.61 8.53
C VAL A 153 -4.44 20.69 9.71
N ASN A 154 -4.67 19.38 9.40
CA ASN A 154 -4.79 18.35 10.43
C ASN A 154 -3.39 17.78 10.74
N ALA A 155 -3.31 16.73 11.57
CA ALA A 155 -1.99 16.18 11.95
C ALA A 155 -1.24 15.62 10.74
N ASN A 156 -1.95 15.20 9.71
CA ASN A 156 -1.28 14.74 8.50
C ASN A 156 -0.87 15.87 7.56
N GLY A 157 -1.06 17.14 7.93
CA GLY A 157 -0.65 18.22 7.06
C GLY A 157 -1.54 18.43 5.86
N GLU A 158 -2.75 17.84 5.87
CA GLU A 158 -3.74 18.05 4.83
C GLU A 158 -4.60 19.27 5.15
N LYS A 159 -4.74 20.15 4.15
CA LYS A 159 -5.54 21.38 4.28
C LYS A 159 -6.94 21.09 4.78
N ILE A 160 -7.36 21.82 5.82
CA ILE A 160 -8.78 21.86 6.17
C ILE A 160 -9.46 22.76 5.14
N GLU A 161 -10.31 22.19 4.27
CA GLU A 161 -10.82 22.99 3.15
C GLU A 161 -11.66 24.14 3.67
N GLY A 162 -11.55 25.30 3.01
CA GLY A 162 -12.37 26.43 3.44
C GLY A 162 -11.77 27.26 4.55
N THR A 163 -10.48 27.10 4.84
CA THR A 163 -9.79 27.93 5.83
C THR A 163 -8.73 28.81 5.19
N ASN A 164 -8.60 28.83 3.84
CA ASN A 164 -7.58 29.68 3.21
C ASN A 164 -7.87 31.15 3.49
N THR A 165 -6.84 31.91 3.87
CA THR A 165 -6.89 33.36 4.02
C THR A 165 -5.80 33.97 3.16
N THR A 166 -6.09 35.12 2.54
CA THR A 166 -5.20 35.78 1.56
C THR A 166 -4.18 36.61 2.31
N PRO A 167 -3.12 37.09 1.62
CA PRO A 167 -2.09 37.89 2.34
C PRO A 167 -2.61 39.17 2.98
N VAL A 168 -3.67 39.75 2.40
CA VAL A 168 -4.24 41.00 2.89
C VAL A 168 -4.83 40.84 4.29
N GLN A 169 -5.16 39.61 4.70
CA GLN A 169 -5.71 39.32 6.02
C GLN A 169 -4.68 38.63 6.90
N THR A 170 -4.92 38.71 8.21
CA THR A 170 -4.07 38.03 9.17
C THR A 170 -4.23 36.52 9.02
N PRO A 171 -3.20 35.77 9.43
CA PRO A 171 -3.28 34.30 9.36
C PRO A 171 -4.43 33.77 10.17
N PRO A 172 -5.00 32.62 9.76
CA PRO A 172 -6.19 32.11 10.45
C PRO A 172 -5.83 31.61 11.84
N THR A 173 -6.87 31.46 12.66
CA THR A 173 -6.73 30.80 13.94
C THR A 173 -7.10 29.34 13.73
N CYS A 174 -6.16 28.46 13.99
CA CYS A 174 -6.32 27.04 13.75
C CYS A 174 -6.26 26.28 15.06
N PRO A 175 -7.14 25.30 15.28
CA PRO A 175 -7.13 24.54 16.54
C PRO A 175 -5.77 23.93 16.83
N SER A 176 -5.54 23.62 18.11
CA SER A 176 -4.26 23.02 18.48
C SER A 176 -4.14 21.61 17.87
N GLN A 177 -2.89 21.15 17.70
CA GLN A 177 -2.73 19.78 17.25
C GLN A 177 -3.22 18.77 18.30
N VAL A 178 -3.77 17.66 17.81
CA VAL A 178 -4.15 16.54 18.67
C VAL A 178 -2.92 16.08 19.47
N LEU A 179 -3.10 15.83 20.77
CA LEU A 179 -1.99 15.39 21.62
C LEU A 179 -1.52 13.97 21.21
N THR A 180 -0.31 13.62 21.63
CA THR A 180 0.18 12.25 21.45
C THR A 180 -0.65 11.26 22.24
N LYS A 181 -0.45 9.97 21.89
CA LYS A 181 -1.12 8.89 22.62
C LYS A 181 -0.90 9.06 24.14
N CYS A 182 0.36 9.32 24.54
CA CYS A 182 0.71 9.38 25.96
C CYS A 182 0.12 10.61 26.66
N LEU A 183 0.29 11.79 26.07
CA LEU A 183 -0.29 13.00 26.65
C LEU A 183 -1.79 12.94 26.64
N LYS A 184 -2.40 12.32 25.62
CA LYS A 184 -3.85 12.19 25.60
C LYS A 184 -4.34 11.24 26.69
N GLU A 185 -3.62 10.13 26.92
CA GLU A 185 -4.10 9.16 27.89
C GLU A 185 -3.80 9.66 29.29
N ARG A 186 -2.77 10.49 29.40
CA ARG A 186 -2.51 11.22 30.64
C ARG A 186 -3.64 12.19 30.95
N GLN A 187 -4.07 12.97 29.96
CA GLN A 187 -5.22 13.85 30.12
C GLN A 187 -6.49 13.09 30.51
N GLU A 188 -6.83 12.03 29.77
CA GLU A 188 -7.99 11.20 30.12
C GLU A 188 -7.88 10.61 31.53
N ALA A 189 -6.71 10.05 31.89
CA ALA A 189 -6.52 9.49 33.22
C ALA A 189 -6.75 10.54 34.31
N LEU A 190 -6.11 11.72 34.17
CA LEU A 190 -6.36 12.85 35.06
C LEU A 190 -7.84 13.23 35.10
N GLY A 191 -8.56 13.05 33.98
CA GLY A 191 -9.99 13.30 33.92
C GLY A 191 -10.38 14.74 34.21
N GLY A 192 -9.45 15.68 34.04
CA GLY A 192 -9.66 17.09 34.36
C GLY A 192 -9.95 17.34 35.82
N LYS A 193 -9.00 17.01 36.70
CA LYS A 193 -9.15 17.03 38.18
C LYS A 193 -10.05 15.90 38.67
N ILE A 195 -4.70 15.43 39.98
CA ILE A 195 -4.33 14.03 40.18
C ILE A 195 -5.58 13.12 40.04
N ALA A 196 -5.38 11.94 39.41
CA ALA A 196 -6.32 10.81 39.51
C ALA A 196 -5.76 9.87 40.58
N ILE A 197 -6.34 9.96 41.77
CA ILE A 197 -5.77 9.36 42.96
C ILE A 197 -6.01 7.85 42.92
N GLY A 198 -4.94 7.06 43.16
CA GLY A 198 -5.04 5.61 43.24
C GLY A 198 -5.09 4.89 41.90
N ARG A 199 -4.88 5.60 40.81
CA ARG A 199 -4.97 5.06 39.46
C ARG A 199 -3.66 5.32 38.73
N TYR A 200 -3.37 4.45 37.78
CA TYR A 200 -2.18 4.59 36.95
C TYR A 200 -2.28 5.83 36.08
N ILE A 201 -1.24 6.65 36.08
CA ILE A 201 -1.16 7.80 35.19
C ILE A 201 0.11 7.65 34.37
N PRO A 202 0.02 7.46 33.05
CA PRO A 202 1.23 7.26 32.22
C PRO A 202 2.23 8.37 32.42
N GLN A 203 3.51 8.03 32.28
CA GLN A 203 4.59 9.00 32.39
C GLN A 203 5.21 9.16 31.00
N CYS A 204 5.24 10.39 30.48
CA CYS A 204 5.65 10.72 29.10
C CYS A 204 7.02 11.40 29.07
N ASP A 205 7.73 11.24 27.94
CA ASP A 205 9.00 11.94 27.74
C ASP A 205 8.77 13.29 27.05
N GLU A 206 9.87 14.05 26.87
CA GLU A 206 9.82 15.36 26.23
C GLU A 206 9.14 15.32 24.87
N GLN A 207 9.48 14.35 24.03
CA GLN A 207 8.82 14.24 22.73
C GLN A 207 7.34 13.84 22.85
N GLY A 208 6.82 13.64 24.07
CA GLY A 208 5.49 13.09 24.32
C GLY A 208 5.28 11.63 23.98
N ASN A 209 6.36 10.85 23.87
CA ASN A 209 6.22 9.40 23.80
C ASN A 209 6.32 8.82 25.22
N TYR A 210 6.01 7.54 25.34
CA TYR A 210 6.03 6.92 26.65
C TYR A 210 7.45 6.72 27.12
N ARG A 211 7.73 7.12 28.36
CA ARG A 211 8.97 6.69 29.01
C ARG A 211 9.10 5.17 28.99
N PRO A 212 10.31 4.63 28.81
CA PRO A 212 10.45 3.15 28.80
C PRO A 212 9.95 2.47 30.07
N MET A 213 10.33 3.00 31.22
CA MET A 213 9.87 2.44 32.50
C MET A 213 8.60 3.16 32.91
N GLN A 214 7.53 2.44 33.27
CA GLN A 214 6.31 3.02 33.83
C GLN A 214 6.13 2.47 35.22
N CYS A 215 5.58 3.28 36.13
CA CYS A 215 5.32 2.84 37.50
C CYS A 215 3.90 3.20 37.89
N HIS A 216 3.23 2.34 38.67
CA HIS A 216 1.91 2.64 39.17
C HIS A 216 2.06 3.52 40.41
N GLY A 217 1.49 4.72 40.40
CA GLY A 217 1.72 5.62 41.53
C GLY A 217 1.13 5.18 42.90
N SER A 218 0.32 4.12 42.96
CA SER A 218 -0.26 3.67 44.24
C SER A 218 0.19 2.29 44.70
N THR A 219 0.38 1.35 43.79
CA THR A 219 0.80 -0.01 44.15
C THR A 219 2.32 -0.17 44.24
N GLY A 220 3.09 0.74 43.65
CA GLY A 220 4.55 0.60 43.60
C GLY A 220 5.10 -0.31 42.52
N TYR A 221 4.24 -1.00 41.76
CA TYR A 221 4.71 -1.87 40.69
C TYR A 221 5.32 -1.02 39.59
N CYS A 222 6.32 -1.59 38.88
CA CYS A 222 6.91 -0.98 37.69
C CYS A 222 7.02 -2.00 36.58
N TRP A 223 7.07 -1.52 35.33
CA TRP A 223 7.18 -2.43 34.19
C TRP A 223 7.69 -1.62 33.01
N CYS A 224 8.03 -2.32 31.93
CA CYS A 224 8.52 -1.62 30.73
C CYS A 224 7.43 -1.54 29.67
N VAL A 225 7.46 -0.45 28.86
CA VAL A 225 6.56 -0.33 27.70
C VAL A 225 7.38 0.04 26.48
N ASN A 226 6.86 -0.30 25.29
CA ASN A 226 7.55 0.21 24.10
C ASN A 226 7.12 1.67 23.83
N ALA A 227 7.54 2.25 22.69
CA ALA A 227 7.42 3.70 22.51
C ALA A 227 5.99 4.14 22.34
N ILE A 228 5.12 3.24 21.91
CA ILE A 228 3.69 3.56 21.83
C ILE A 228 2.93 3.01 23.04
N GLY A 229 3.62 2.63 24.10
CA GLY A 229 2.88 2.37 25.34
C GLY A 229 2.41 0.94 25.53
N GLU A 230 2.78 0.00 24.66
CA GLU A 230 2.41 -1.38 24.91
C GLU A 230 3.38 -2.02 25.91
N LYS A 231 2.82 -2.79 26.83
CA LYS A 231 3.63 -3.44 27.86
C LYS A 231 4.52 -4.50 27.30
N ILE A 232 5.73 -4.59 27.84
CA ILE A 232 6.65 -5.66 27.50
C ILE A 232 6.36 -6.80 28.47
N GLU A 233 6.01 -7.96 27.96
CA GLU A 233 5.75 -9.02 28.93
C GLU A 233 7.04 -9.45 29.63
N GLY A 234 6.86 -10.08 30.79
CA GLY A 234 8.00 -10.48 31.57
C GLY A 234 8.72 -9.36 32.30
N THR A 235 8.10 -8.18 32.45
CA THR A 235 8.83 -7.07 33.09
C THR A 235 8.10 -6.51 34.31
N ASN A 236 6.90 -6.99 34.63
CA ASN A 236 6.13 -6.40 35.73
C ASN A 236 6.78 -6.77 37.07
N THR A 237 7.07 -5.77 37.91
CA THR A 237 7.95 -5.94 39.07
C THR A 237 7.26 -5.39 40.32
N PRO A 238 7.02 -6.19 41.35
CA PRO A 238 6.42 -5.63 42.59
C PRO A 238 7.42 -4.70 43.28
N PRO A 239 6.95 -3.80 44.14
CA PRO A 239 7.88 -2.90 44.81
C PRO A 239 8.84 -3.70 45.70
N GLY A 240 10.07 -3.23 45.78
CA GLY A 240 11.08 -3.89 46.55
C GLY A 240 11.92 -4.85 45.76
N ASN A 241 11.65 -5.00 44.47
CA ASN A 241 12.39 -5.95 43.65
C ASN A 241 13.17 -5.22 42.56
N THR A 242 14.08 -5.96 41.95
CA THR A 242 14.91 -5.40 40.88
C THR A 242 14.14 -5.45 39.56
N GLN A 243 14.06 -4.32 38.91
CA GLN A 243 13.39 -4.14 37.62
C GLN A 243 14.29 -4.57 36.46
N PRO A 244 13.79 -5.35 35.48
CA PRO A 244 14.60 -5.64 34.26
C PRO A 244 14.89 -4.35 33.51
N THR A 245 16.00 -4.32 32.80
CA THR A 245 16.28 -3.15 31.99
C THR A 245 15.22 -2.94 30.90
N CYS A 246 14.75 -1.68 30.80
CA CYS A 246 13.79 -1.30 29.78
C CYS A 246 14.54 -0.71 28.60
N GLN A 247 14.22 -1.18 27.42
CA GLN A 247 14.83 -0.70 26.18
C GLN A 247 14.21 0.64 25.78
N SER A 248 15.04 1.60 25.38
CA SER A 248 14.45 2.84 24.88
C SER A 248 14.25 2.79 23.35
N HIS A 249 13.43 3.71 22.86
CA HIS A 249 13.18 3.84 21.41
C HIS A 249 12.74 2.53 20.75
N ASP A 250 11.85 1.79 21.40
CA ASP A 250 11.39 0.52 20.85
C ASP A 250 10.14 0.78 20.02
N TRP A 251 10.28 0.73 18.70
CA TRP A 251 9.17 0.92 17.77
C TRP A 251 8.82 -0.38 17.00
N ASP A 252 9.39 -1.50 17.41
CA ASP A 252 9.07 -2.79 16.77
C ASP A 252 7.83 -3.36 17.49
N THR A 253 6.63 -3.13 16.97
CA THR A 253 5.45 -3.58 17.72
C THR A 253 4.79 -4.81 17.06
N CYS A 254 5.44 -5.47 16.11
CA CYS A 254 4.95 -6.76 15.62
C CYS A 254 4.87 -7.78 16.75
N HIS A 255 3.91 -8.69 16.68
CA HIS A 255 3.89 -9.80 17.62
C HIS A 255 4.84 -10.92 17.16
N TYR A 256 5.28 -11.73 18.11
CA TYR A 256 6.30 -12.76 17.88
C TYR A 256 5.75 -14.09 18.35
N ALA A 257 5.88 -15.10 17.53
CA ALA A 257 5.60 -16.47 17.93
C ALA A 257 6.71 -16.94 18.87
N VAL A 258 6.34 -17.61 19.96
CA VAL A 258 7.35 -18.06 20.90
C VAL A 258 6.99 -19.47 21.37
N ALA A 259 8.00 -20.17 21.89
CA ALA A 259 7.83 -21.47 22.54
C ALA A 259 8.09 -21.26 24.02
N VAL A 260 7.12 -21.56 24.88
CA VAL A 260 7.30 -21.33 26.32
C VAL A 260 7.41 -22.66 27.06
N VAL A 261 8.31 -22.72 28.07
CA VAL A 261 8.64 -23.93 28.84
C VAL A 261 8.76 -23.56 30.32
N LYS A 262 8.73 -24.56 31.19
CA LYS A 262 8.99 -24.32 32.62
C LYS A 262 10.50 -24.45 32.89
N ASN A 263 11.00 -23.72 33.89
CA ASN A 263 12.44 -23.80 34.19
C ASN A 263 12.84 -25.12 34.88
N SER A 264 11.86 -25.92 35.28
CA SER A 264 12.11 -27.22 35.89
C SER A 264 12.44 -28.32 34.88
N SER A 265 12.20 -28.13 33.59
CA SER A 265 12.65 -29.07 32.57
C SER A 265 14.00 -28.62 32.03
N THR A 266 14.64 -29.45 31.21
CA THR A 266 15.96 -29.08 30.72
C THR A 266 16.21 -29.35 29.24
N PHE A 267 15.24 -29.84 28.49
CA PHE A 267 15.54 -30.08 27.07
C PHE A 267 15.67 -28.76 26.31
N GLN A 268 16.33 -28.81 25.16
CA GLN A 268 16.45 -27.70 24.24
C GLN A 268 15.55 -27.90 23.02
N PHE A 269 15.49 -26.86 22.18
CA PHE A 269 14.55 -26.89 21.07
C PHE A 269 14.79 -28.09 20.14
N GLY A 270 16.06 -28.43 19.91
CA GLY A 270 16.37 -29.51 18.97
C GLY A 270 16.10 -30.90 19.52
N GLN A 271 15.69 -31.02 20.80
CA GLN A 271 15.30 -32.29 21.41
C GLN A 271 13.80 -32.37 21.63
N LEU A 272 13.02 -31.62 20.87
CA LEU A 272 11.57 -31.66 21.06
C LEU A 272 10.94 -33.00 20.64
N LYS A 273 11.62 -33.80 19.82
CA LYS A 273 11.00 -35.03 19.35
C LYS A 273 10.58 -35.88 20.55
N GLY A 274 9.32 -36.30 20.55
CA GLY A 274 8.78 -37.15 21.58
C GLY A 274 8.23 -36.45 22.80
N LYS A 275 8.35 -35.12 22.88
CA LYS A 275 7.74 -34.43 24.01
C LYS A 275 6.22 -34.31 23.82
N ARG A 276 5.54 -33.84 24.87
CA ARG A 276 4.14 -33.42 24.83
C ARG A 276 4.04 -31.90 24.56
N SER A 277 3.08 -31.48 23.74
CA SER A 277 3.06 -30.05 23.39
C SER A 277 1.65 -29.48 23.44
N CYS A 278 1.55 -28.18 23.78
CA CYS A 278 0.29 -27.44 23.72
C CYS A 278 0.37 -26.36 22.65
N HIS A 279 -0.61 -26.34 21.75
CA HIS A 279 -0.59 -25.37 20.65
C HIS A 279 -1.86 -24.52 20.71
N SER A 280 -1.75 -23.26 20.29
CA SER A 280 -2.95 -22.43 20.33
C SER A 280 -4.02 -23.00 19.41
N GLY A 281 -3.62 -23.60 18.29
CA GLY A 281 -4.64 -24.32 17.49
C GLY A 281 -4.10 -24.68 16.15
N LEU A 282 -4.76 -25.65 15.48
CA LEU A 282 -4.23 -26.18 14.23
C LEU A 282 -4.15 -25.12 13.18
N SER A 283 -5.09 -24.16 13.19
CA SER A 283 -5.07 -23.18 12.10
C SER A 283 -4.36 -21.86 12.44
N LYS A 284 -3.82 -21.70 13.66
CA LYS A 284 -3.24 -20.41 14.07
C LYS A 284 -1.79 -20.29 13.60
N THR A 285 -1.39 -19.07 13.30
CA THR A 285 -0.05 -18.90 12.78
C THR A 285 0.96 -19.08 13.92
N ASP A 286 0.65 -18.59 15.16
CA ASP A 286 1.61 -18.80 16.28
C ASP A 286 1.58 -20.22 16.82
N GLY A 287 0.47 -20.93 16.69
CA GLY A 287 0.45 -22.28 17.21
C GLY A 287 0.74 -23.36 16.22
N TRP A 288 0.86 -23.04 14.92
CA TRP A 288 1.06 -24.07 13.91
C TRP A 288 2.06 -23.66 12.87
N ASN A 289 1.73 -22.63 12.09
CA ASN A 289 2.61 -22.27 10.98
C ASN A 289 4.01 -21.93 11.45
N ALA A 290 4.13 -21.09 12.51
CA ALA A 290 5.48 -20.65 12.89
C ALA A 290 6.28 -21.84 13.43
N PRO A 291 5.83 -22.59 14.43
CA PRO A 291 6.65 -23.74 14.88
C PRO A 291 6.92 -24.73 13.76
N VAL A 292 5.90 -25.10 12.99
CA VAL A 292 6.11 -26.09 11.93
C VAL A 292 7.13 -25.61 10.92
N ASN A 293 7.09 -24.33 10.54
CA ASN A 293 8.06 -23.83 9.57
C ASN A 293 9.47 -24.03 10.11
N VAL A 294 9.65 -23.78 11.41
CA VAL A 294 10.97 -23.94 12.02
C VAL A 294 11.32 -25.42 12.12
N PHE A 295 10.38 -26.27 12.54
CA PHE A 295 10.66 -27.72 12.52
C PHE A 295 11.21 -28.18 11.16
N VAL A 296 10.62 -27.68 10.08
CA VAL A 296 10.99 -28.12 8.72
C VAL A 296 12.34 -27.58 8.33
N GLU A 297 12.62 -26.33 8.66
CA GLU A 297 13.89 -25.72 8.32
C GLU A 297 15.04 -26.41 9.04
N LYS A 298 14.81 -26.83 10.28
CA LYS A 298 15.84 -27.49 11.08
C LYS A 298 15.91 -28.99 10.83
N LYS A 299 15.07 -29.53 9.96
CA LYS A 299 15.00 -30.95 9.68
C LYS A 299 14.71 -31.78 10.94
N LEU A 300 14.06 -31.24 11.97
CA LEU A 300 13.61 -32.09 13.07
C LEU A 300 12.46 -32.98 12.64
N LEU A 301 11.78 -32.57 11.58
CA LEU A 301 10.64 -33.24 11.01
C LEU A 301 11.06 -33.81 9.68
N PRO A 302 11.00 -35.13 9.46
CA PRO A 302 11.25 -35.68 8.13
C PRO A 302 10.04 -35.44 7.25
N TRP A 303 10.09 -34.34 6.50
CA TRP A 303 8.97 -33.89 5.68
C TRP A 303 9.43 -32.68 4.88
N ASP A 304 9.05 -32.64 3.60
CA ASP A 304 9.37 -31.46 2.78
C ASP A 304 8.24 -31.11 1.82
N GLY A 305 7.66 -32.11 1.16
CA GLY A 305 6.57 -31.90 0.23
C GLY A 305 5.42 -32.83 0.52
N LEU A 306 4.27 -32.52 -0.12
CA LEU A 306 3.06 -33.31 0.02
C LEU A 306 3.20 -34.76 -0.46
N ALA A 307 4.35 -35.10 -1.07
CA ALA A 307 4.66 -36.50 -1.39
C ALA A 307 4.88 -37.34 -0.13
N LYS A 308 5.37 -36.71 0.96
CA LYS A 308 5.56 -37.35 2.26
C LYS A 308 4.33 -37.25 3.18
N GLY A 309 3.11 -37.30 2.61
CA GLY A 309 1.89 -37.14 3.39
C GLY A 309 1.61 -35.70 3.80
N SER A 310 0.69 -35.56 4.75
CA SER A 310 0.33 -34.25 5.23
C SER A 310 1.28 -33.80 6.36
N ILE A 311 1.36 -32.47 6.53
CA ILE A 311 2.14 -31.92 7.64
C ILE A 311 1.60 -32.43 8.96
N GLU A 312 0.28 -32.39 9.13
CA GLU A 312 -0.30 -32.84 10.38
C GLU A 312 0.12 -34.26 10.72
N ARG A 313 0.15 -35.17 9.72
CA ARG A 313 0.56 -36.55 10.02
C ARG A 313 2.02 -36.60 10.49
N ALA A 314 2.91 -35.87 9.82
CA ALA A 314 4.32 -35.83 10.23
C ALA A 314 4.47 -35.27 11.64
N VAL A 315 3.76 -34.19 11.94
CA VAL A 315 3.77 -33.66 13.31
C VAL A 315 3.24 -34.70 14.27
N SER A 316 2.27 -35.51 13.83
CA SER A 316 1.72 -36.56 14.67
C SER A 316 2.78 -37.59 15.03
N LYS A 317 3.77 -37.82 14.17
CA LYS A 317 4.84 -38.77 14.45
C LYS A 317 5.90 -38.16 15.36
N PHE A 318 6.03 -36.83 15.31
CA PHE A 318 7.09 -36.11 16.03
C PHE A 318 6.82 -36.06 17.54
N PHE A 319 5.67 -35.54 17.95
CA PHE A 319 5.30 -35.44 19.35
C PHE A 319 4.62 -36.72 19.81
N SER A 320 4.75 -37.01 21.10
CA SER A 320 4.12 -38.20 21.66
C SER A 320 2.63 -38.00 21.94
N ALA A 321 2.26 -36.83 22.48
CA ALA A 321 0.88 -36.48 22.75
C ALA A 321 0.81 -34.95 22.84
N SER A 322 -0.20 -34.34 22.20
CA SER A 322 -0.35 -32.88 22.19
C SER A 322 -1.80 -32.48 22.37
N CYS A 323 -2.03 -31.18 22.57
CA CYS A 323 -3.36 -30.57 22.40
C CYS A 323 -3.23 -29.55 21.30
N ILE A 324 -3.85 -29.81 20.15
CA ILE A 324 -3.78 -28.90 19.01
C ILE A 324 -5.21 -28.68 18.50
N PRO A 325 -5.98 -27.76 19.07
CA PRO A 325 -7.40 -27.66 18.74
C PRO A 325 -7.63 -27.62 17.24
N GLY A 326 -8.58 -28.46 16.78
CA GLY A 326 -8.90 -28.53 15.37
C GLY A 326 -8.21 -29.67 14.64
N ALA A 327 -7.29 -30.38 15.29
CA ALA A 327 -6.59 -31.48 14.64
C ALA A 327 -7.54 -32.67 14.51
N THR A 328 -7.17 -33.60 13.63
CA THR A 328 -7.85 -34.89 13.52
C THR A 328 -7.05 -36.05 14.09
N GLU A 329 -5.72 -36.08 13.86
CA GLU A 329 -4.90 -37.15 14.43
C GLU A 329 -5.17 -37.31 15.91
N THR A 330 -5.22 -38.57 16.37
CA THR A 330 -5.69 -38.83 17.73
C THR A 330 -4.68 -38.37 18.77
N ASN A 331 -3.39 -38.59 18.53
CA ASN A 331 -2.45 -38.22 19.58
C ASN A 331 -2.33 -36.71 19.69
N LEU A 332 -2.68 -35.96 18.64
CA LEU A 332 -2.62 -34.50 18.66
C LEU A 332 -3.83 -33.87 19.31
N CYS A 333 -4.81 -34.68 19.73
CA CYS A 333 -5.94 -34.24 20.55
C CYS A 333 -5.92 -34.84 21.93
N LYS A 334 -4.92 -35.65 22.25
CA LYS A 334 -4.91 -36.45 23.46
C LYS A 334 -4.87 -35.61 24.73
N GLN A 335 -4.16 -34.48 24.70
CA GLN A 335 -3.97 -33.72 25.92
C GLN A 335 -5.05 -32.67 26.14
N CYS A 336 -5.99 -32.50 25.19
CA CYS A 336 -7.08 -31.54 25.37
C CYS A 336 -8.04 -32.05 26.45
N ILE A 337 -8.88 -31.16 26.97
CA ILE A 337 -9.70 -31.53 28.13
C ILE A 337 -11.13 -31.04 27.95
N GLY A 338 -11.49 -30.65 26.73
CA GLY A 338 -12.87 -30.25 26.50
C GLY A 338 -13.79 -31.44 26.67
N GLU A 339 -15.00 -31.16 27.17
CA GLU A 339 -15.92 -32.22 27.56
C GLU A 339 -16.69 -32.71 26.33
N GLU A 340 -16.63 -34.01 26.09
CA GLU A 340 -17.47 -34.68 25.07
C GLU A 340 -17.13 -34.04 23.73
N GLU A 341 -18.10 -33.64 22.90
CA GLU A 341 -17.81 -33.17 21.55
C GLU A 341 -17.01 -31.86 21.53
N LYS A 342 -16.96 -31.14 22.66
CA LYS A 342 -16.18 -29.91 22.77
C LYS A 342 -14.67 -30.17 22.69
N LYS A 343 -14.22 -31.37 23.07
CA LYS A 343 -12.81 -31.71 23.09
C LYS A 343 -12.12 -31.42 21.76
N CYS A 344 -11.04 -30.64 21.82
CA CYS A 344 -10.18 -30.40 20.67
C CYS A 344 -10.86 -29.54 19.60
N LYS A 345 -11.87 -28.77 19.96
CA LYS A 345 -12.49 -27.86 19.01
C LYS A 345 -11.76 -26.49 18.95
N SER A 346 -11.77 -25.87 17.78
CA SER A 346 -11.36 -24.47 17.69
C SER A 346 -12.40 -23.60 18.31
N SER A 347 -12.48 -23.64 19.63
CA SER A 347 -13.52 -22.95 20.37
C SER A 347 -13.08 -22.87 21.82
N HIS A 348 -13.43 -21.76 22.48
CA HIS A 348 -13.15 -21.61 23.91
C HIS A 348 -13.83 -22.65 24.76
N ASP A 349 -14.79 -23.38 24.24
CA ASP A 349 -15.36 -24.44 25.06
C ASP A 349 -14.39 -25.60 25.22
N GLU A 350 -13.28 -25.60 24.45
CA GLU A 350 -12.11 -26.41 24.76
C GLU A 350 -11.19 -25.60 25.67
N PRO A 351 -11.05 -25.91 26.94
CA PRO A 351 -10.29 -25.01 27.83
C PRO A 351 -8.84 -24.74 27.38
N TYR A 352 -8.24 -25.57 26.52
CA TYR A 352 -6.87 -25.38 26.08
C TYR A 352 -6.77 -24.72 24.70
N TYR A 353 -7.86 -24.14 24.20
CA TYR A 353 -7.89 -23.46 22.91
C TYR A 353 -7.29 -22.06 23.03
N GLY A 354 -6.52 -21.66 22.02
CA GLY A 354 -6.03 -20.30 21.93
C GLY A 354 -4.74 -20.12 22.73
N ASP A 355 -4.20 -18.90 22.62
CA ASP A 355 -2.94 -18.57 23.28
C ASP A 355 -3.01 -18.84 24.78
N HIS A 356 -4.04 -18.34 25.44
CA HIS A 356 -4.10 -18.56 26.88
C HIS A 356 -4.47 -19.97 27.24
N GLY A 357 -5.14 -20.70 26.34
CA GLY A 357 -5.41 -22.10 26.62
C GLY A 357 -4.15 -22.93 26.50
N ALA A 358 -3.34 -22.65 25.48
CA ALA A 358 -2.09 -23.38 25.39
C ALA A 358 -1.20 -23.10 26.60
N PHE A 359 -1.20 -21.87 27.11
CA PHE A 359 -0.37 -21.59 28.30
C PHE A 359 -0.91 -22.32 29.54
N ARG A 360 -2.24 -22.36 29.68
CA ARG A 360 -2.87 -23.12 30.76
C ARG A 360 -2.50 -24.60 30.70
N CYS A 361 -2.43 -25.17 29.48
CA CYS A 361 -2.05 -26.57 29.28
C CYS A 361 -0.63 -26.86 29.76
N LEU A 362 0.31 -25.94 29.52
CA LEU A 362 1.65 -26.05 30.09
C LEU A 362 1.60 -25.90 31.61
N GLN A 363 0.87 -24.88 32.05
CA GLN A 363 0.81 -24.58 33.48
C GLN A 363 0.29 -25.78 34.27
N GLU A 364 -0.70 -26.49 33.72
CA GLU A 364 -1.30 -27.67 34.36
C GLU A 364 -0.55 -28.96 34.06
N ASP A 365 0.61 -28.87 33.39
CA ASP A 365 1.53 -29.98 33.09
C ASP A 365 0.96 -31.03 32.15
N LYS A 366 -0.03 -30.66 31.34
CA LYS A 366 -0.42 -31.53 30.24
C LYS A 366 0.55 -31.46 29.06
N GLY A 367 1.46 -30.49 29.05
CA GLY A 367 2.42 -30.39 27.97
C GLY A 367 3.76 -30.02 28.56
N ASP A 368 4.81 -30.27 27.78
CA ASP A 368 6.15 -29.79 28.17
C ASP A 368 6.52 -28.45 27.53
N VAL A 369 5.83 -28.03 26.49
CA VAL A 369 6.15 -26.80 25.76
C VAL A 369 4.83 -26.30 25.23
N ALA A 370 4.60 -24.98 25.28
CA ALA A 370 3.43 -24.37 24.63
C ALA A 370 3.87 -23.43 23.52
N PHE A 371 3.10 -23.43 22.43
CA PHE A 371 3.37 -22.60 21.25
C PHE A 371 2.29 -21.52 21.15
N LEU A 372 2.69 -20.25 21.29
CA LEU A 372 1.77 -19.11 21.39
C LEU A 372 2.55 -17.87 20.98
N LYS A 373 2.06 -16.67 21.36
CA LYS A 373 2.78 -15.46 20.96
C LYS A 373 3.06 -14.59 22.18
N ASN A 374 3.98 -13.64 22.01
CA ASN A 374 4.52 -12.92 23.19
C ASN A 374 3.41 -12.22 24.00
N THR A 375 2.31 -11.81 23.34
CA THR A 375 1.23 -11.08 24.01
C THR A 375 0.46 -11.96 24.95
N ALA A 376 0.65 -13.26 24.92
CA ALA A 376 0.03 -14.13 25.92
C ALA A 376 0.98 -14.57 27.01
N LEU A 377 2.24 -14.07 27.05
CA LEU A 377 3.16 -14.49 28.12
C LEU A 377 2.76 -13.80 29.44
N PRO A 378 3.10 -14.37 30.59
CA PRO A 378 2.90 -13.64 31.88
C PRO A 378 3.53 -12.24 31.88
N ASP A 379 2.85 -11.32 32.56
CA ASP A 379 3.52 -10.02 32.73
C ASP A 379 4.61 -10.00 33.79
N GLU A 380 4.60 -10.92 34.76
CA GLU A 380 5.56 -10.85 35.87
C GLU A 380 6.90 -11.36 35.42
N HIS A 381 7.96 -10.73 35.94
N HIS A 381 7.96 -10.77 35.95
CA HIS A 381 9.34 -11.07 35.59
CA HIS A 381 9.29 -11.17 35.47
C HIS A 381 9.72 -12.42 36.16
C HIS A 381 9.94 -12.24 36.31
N SER A 382 9.29 -12.68 37.38
CA SER A 382 9.83 -13.70 38.23
C SER A 382 8.84 -14.82 38.15
N GLY A 383 9.33 -16.03 38.17
CA GLY A 383 8.44 -17.15 38.04
C GLY A 383 9.14 -18.27 37.33
N VAL A 384 8.32 -19.29 37.06
CA VAL A 384 8.81 -20.56 36.61
C VAL A 384 8.80 -20.71 35.11
N TYR A 385 8.56 -19.64 34.33
CA TYR A 385 8.51 -19.81 32.88
C TYR A 385 9.67 -19.12 32.21
N GLU A 386 10.05 -19.64 31.05
CA GLU A 386 11.07 -18.99 30.23
C GLU A 386 10.82 -19.43 28.78
N LEU A 387 11.66 -18.96 27.88
CA LEU A 387 11.44 -19.21 26.47
C LEU A 387 12.41 -20.26 25.94
N LEU A 388 11.96 -21.07 24.99
CA LEU A 388 12.79 -22.08 24.35
C LEU A 388 13.20 -21.52 23.00
N CYS A 389 14.49 -21.16 22.85
CA CYS A 389 14.93 -20.56 21.60
C CYS A 389 15.32 -21.62 20.58
N PRO A 390 15.10 -21.37 19.30
CA PRO A 390 15.46 -22.37 18.28
C PRO A 390 16.96 -22.55 18.08
N ASP A 391 17.81 -21.71 18.64
CA ASP A 391 19.24 -21.96 18.57
C ASP A 391 19.72 -22.82 19.76
N ASN A 392 18.81 -23.55 20.40
CA ASN A 392 19.09 -24.50 21.48
C ASN A 392 19.58 -23.85 22.77
N THR A 393 19.10 -22.66 23.07
CA THR A 393 19.24 -22.06 24.40
C THR A 393 17.89 -21.70 24.95
N ARG A 394 17.87 -21.31 26.23
CA ARG A 394 16.68 -20.80 26.90
C ARG A 394 16.93 -19.36 27.37
N LYS A 395 15.91 -18.50 27.29
CA LYS A 395 16.06 -17.10 27.66
C LYS A 395 14.85 -16.64 28.42
N PRO A 396 14.98 -15.54 29.18
CA PRO A 396 13.82 -15.04 29.98
C PRO A 396 12.66 -14.56 29.09
N LEU A 397 11.48 -14.47 29.73
CA LEU A 397 10.27 -14.10 29.01
C LEU A 397 10.41 -12.77 28.29
N ASN A 398 11.15 -11.82 28.85
CA ASN A 398 11.18 -10.50 28.24
C ASN A 398 12.16 -10.42 27.09
N LYS A 399 12.84 -11.51 26.75
CA LYS A 399 13.74 -11.52 25.61
C LYS A 399 13.14 -12.22 24.38
N TYR A 400 11.82 -12.23 24.24
CA TYR A 400 11.21 -12.85 23.04
C TYR A 400 11.71 -12.22 21.75
N LYS A 401 12.06 -10.92 21.72
CA LYS A 401 12.57 -10.37 20.45
C LYS A 401 13.86 -11.04 20.02
N GLU A 402 14.58 -11.68 20.91
CA GLU A 402 15.75 -12.42 20.47
C GLU A 402 15.61 -13.94 20.71
N CYS A 403 14.41 -14.43 21.04
CA CYS A 403 14.21 -15.84 21.29
C CYS A 403 12.81 -16.21 20.82
N ASN A 404 12.64 -16.41 19.51
CA ASN A 404 11.28 -16.50 18.98
C ASN A 404 11.29 -17.37 17.75
N LEU A 405 10.09 -17.71 17.27
CA LEU A 405 9.90 -18.51 16.08
C LEU A 405 9.43 -17.65 14.92
N GLY A 406 9.68 -16.33 14.97
CA GLY A 406 9.36 -15.43 13.86
C GLY A 406 8.34 -14.37 14.26
N LYS A 407 8.37 -13.24 13.59
CA LYS A 407 7.24 -12.31 13.72
C LYS A 407 6.03 -12.94 13.04
N VAL A 408 4.82 -12.62 13.51
CA VAL A 408 3.61 -13.19 12.84
C VAL A 408 2.74 -12.02 12.37
N PRO A 409 1.91 -12.19 11.36
CA PRO A 409 1.05 -11.07 10.89
C PRO A 409 0.06 -10.64 11.95
N ALA A 410 -0.53 -9.47 11.70
CA ALA A 410 -1.62 -8.99 12.54
C ALA A 410 -2.86 -9.88 12.35
N ASP A 411 -3.74 -9.88 13.34
CA ASP A 411 -5.06 -10.51 13.23
C ASP A 411 -6.10 -9.47 12.86
N ALA A 412 -7.31 -9.92 12.43
CA ALA A 412 -8.18 -8.90 11.85
C ALA A 412 -9.65 -9.31 11.98
N VAL A 413 -10.55 -8.30 11.99
CA VAL A 413 -11.98 -8.57 11.79
C VAL A 413 -12.20 -8.84 10.30
N VAL A 414 -13.00 -9.86 9.94
CA VAL A 414 -13.23 -10.19 8.53
C VAL A 414 -14.73 -10.05 8.24
N THR A 415 -15.06 -9.87 6.96
CA THR A 415 -16.46 -9.98 6.54
C THR A 415 -16.47 -10.50 5.11
N ARG A 416 -17.66 -10.57 4.48
CA ARG A 416 -17.71 -11.06 3.09
C ARG A 416 -16.92 -10.16 2.14
N LYS A 417 -16.34 -10.77 1.11
CA LYS A 417 -15.62 -10.00 0.09
C LYS A 417 -16.47 -8.88 -0.49
N ALA A 418 -17.78 -9.12 -0.69
CA ALA A 418 -18.65 -8.08 -1.29
C ALA A 418 -18.69 -6.82 -0.45
N GLY A 419 -18.43 -6.92 0.86
CA GLY A 419 -18.34 -5.72 1.68
C GLY A 419 -19.64 -5.01 1.95
N ASP A 420 -20.77 -5.73 1.92
CA ASP A 420 -22.06 -5.08 2.13
C ASP A 420 -22.25 -4.57 3.55
N LYS A 421 -21.51 -5.09 4.53
CA LYS A 421 -21.65 -4.63 5.91
C LYS A 421 -20.42 -3.90 6.45
N THR A 422 -19.41 -3.68 5.59
CA THR A 422 -18.13 -3.10 6.04
C THR A 422 -18.34 -1.76 6.75
N LYS A 423 -19.17 -0.89 6.17
CA LYS A 423 -19.41 0.41 6.79
C LYS A 423 -20.10 0.29 8.14
N ASP A 424 -21.13 -0.56 8.24
CA ASP A 424 -21.82 -0.72 9.52
C ASP A 424 -20.89 -1.28 10.60
N ILE A 425 -20.02 -2.24 10.23
CA ILE A 425 -19.09 -2.83 11.19
C ILE A 425 -18.09 -1.78 11.64
N ASN A 426 -17.45 -1.10 10.68
CA ASN A 426 -16.53 -0.01 11.00
C ASN A 426 -17.17 1.06 11.87
N ASP A 427 -18.39 1.50 11.53
CA ASP A 427 -18.99 2.56 12.32
C ASP A 427 -19.25 2.09 13.74
N PHE A 428 -19.77 0.87 13.89
CA PHE A 428 -20.05 0.38 15.22
C PHE A 428 -18.79 0.34 16.07
N LEU A 429 -17.71 -0.25 15.54
CA LEU A 429 -16.50 -0.40 16.37
C LEU A 429 -15.83 0.96 16.63
N LEU A 430 -15.89 1.89 15.69
CA LEU A 430 -15.31 3.21 15.95
C LEU A 430 -16.09 3.93 17.06
N GLU A 431 -17.43 3.83 17.03
CA GLU A 431 -18.25 4.46 18.06
C GLU A 431 -18.11 3.76 19.38
N ALA A 432 -18.06 2.43 19.36
CA ALA A 432 -17.92 1.69 20.62
C ALA A 432 -16.59 2.00 21.30
N GLN A 433 -15.53 2.18 20.52
CA GLN A 433 -14.22 2.50 21.09
C GLN A 433 -14.20 3.94 21.62
N LYS A 434 -14.82 4.85 20.88
CA LYS A 434 -14.97 6.23 21.34
C LYS A 434 -15.66 6.28 22.71
N LYS A 435 -16.75 5.53 22.91
CA LYS A 435 -17.48 5.47 24.17
C LYS A 435 -16.82 4.57 25.20
N LYS A 436 -15.69 3.94 24.88
CA LYS A 436 -14.96 3.11 25.84
C LYS A 436 -15.74 1.86 26.28
N CYS A 437 -16.48 1.23 25.35
CA CYS A 437 -17.18 -0.02 25.73
C CYS A 437 -16.17 -1.13 26.05
N LYS A 438 -16.62 -2.13 26.82
CA LYS A 438 -15.73 -3.23 27.26
C LYS A 438 -15.50 -4.26 26.15
N LEU A 439 -14.93 -3.78 25.02
CA LEU A 439 -14.61 -4.68 23.92
C LEU A 439 -13.51 -5.67 24.28
N PHE A 440 -12.48 -5.21 25.04
CA PHE A 440 -11.21 -5.95 25.09
C PHE A 440 -10.90 -6.63 26.42
N GLY A 441 -11.89 -6.91 27.25
CA GLY A 441 -11.69 -7.82 28.36
C GLY A 441 -13.03 -8.43 28.72
N SER A 442 -12.99 -9.37 29.67
CA SER A 442 -14.28 -9.87 30.13
C SER A 442 -14.09 -10.65 31.42
N PRO A 443 -15.05 -10.56 32.36
CA PRO A 443 -15.10 -11.50 33.49
C PRO A 443 -15.18 -12.95 33.06
N HIS A 444 -15.74 -13.22 31.88
CA HIS A 444 -16.01 -14.59 31.51
C HIS A 444 -14.76 -15.32 31.03
N GLY A 445 -13.67 -14.62 30.76
CA GLY A 445 -12.48 -15.31 30.28
C GLY A 445 -11.68 -14.41 29.37
N LYS A 446 -10.58 -14.98 28.88
CA LYS A 446 -9.60 -14.21 28.13
C LYS A 446 -9.76 -14.40 26.64
N ASP A 447 -9.49 -13.34 25.89
CA ASP A 447 -9.46 -13.37 24.43
C ASP A 447 -10.81 -13.77 23.85
N LEU A 448 -11.90 -13.35 24.51
CA LEU A 448 -13.24 -13.59 23.96
C LEU A 448 -13.55 -12.46 23.00
N MET A 449 -14.02 -12.83 21.79
CA MET A 449 -14.38 -11.88 20.75
C MET A 449 -13.19 -11.23 20.10
N PHE A 450 -12.32 -10.60 20.89
CA PHE A 450 -11.04 -10.04 20.44
C PHE A 450 -9.94 -10.45 21.40
N ASP A 451 -8.70 -10.32 20.95
CA ASP A 451 -7.55 -10.54 21.83
C ASP A 451 -7.56 -9.52 22.99
N ASP A 452 -7.41 -10.00 24.25
CA ASP A 452 -7.36 -9.09 25.41
C ASP A 452 -6.24 -8.06 25.32
N SER A 453 -5.18 -8.37 24.59
CA SER A 453 -4.07 -7.41 24.43
C SER A 453 -4.40 -6.28 23.45
N THR A 454 -5.48 -6.37 22.68
CA THR A 454 -5.83 -5.30 21.73
C THR A 454 -6.14 -3.98 22.45
N THR A 455 -5.66 -2.84 21.91
CA THR A 455 -6.03 -1.53 22.45
C THR A 455 -6.87 -0.69 21.51
N HIS A 456 -6.66 -0.79 20.20
CA HIS A 456 -7.44 0.02 19.27
C HIS A 456 -7.58 -0.81 17.98
N LEU A 457 -8.75 -0.72 17.32
CA LEU A 457 -8.97 -1.33 16.00
C LEU A 457 -9.31 -0.24 15.00
N ALA A 458 -8.60 -0.21 13.89
CA ALA A 458 -8.80 0.82 12.88
C ALA A 458 -9.16 0.18 11.55
N PRO A 459 -9.86 0.92 10.68
CA PRO A 459 -10.17 0.38 9.35
C PRO A 459 -8.91 0.13 8.53
N LEU A 460 -8.89 -0.98 7.76
CA LEU A 460 -7.78 -1.24 6.86
C LEU A 460 -8.03 -0.53 5.53
N PRO A 461 -7.00 -0.37 4.67
CA PRO A 461 -7.22 0.21 3.32
C PRO A 461 -8.37 -0.46 2.60
N SER A 462 -9.09 0.34 1.80
CA SER A 462 -10.37 -0.20 1.28
C SER A 462 -10.18 -1.35 0.31
N GLU A 463 -9.04 -1.40 -0.40
CA GLU A 463 -8.78 -2.48 -1.36
C GLU A 463 -7.88 -3.58 -0.80
N ILE A 464 -7.67 -3.60 0.52
CA ILE A 464 -6.85 -4.65 1.11
C ILE A 464 -7.53 -6.02 0.93
N ASP A 465 -6.73 -7.06 0.74
CA ASP A 465 -7.21 -8.43 0.81
C ASP A 465 -6.17 -9.22 1.62
N ALA A 466 -6.36 -10.53 1.73
CA ALA A 466 -5.46 -11.32 2.57
C ALA A 466 -4.05 -11.23 2.05
N PHE A 467 -3.85 -11.23 0.73
CA PHE A 467 -2.48 -11.16 0.22
C PHE A 467 -1.73 -9.90 0.70
N PHE A 468 -2.33 -8.70 0.50
CA PHE A 468 -1.69 -7.44 0.89
C PHE A 468 -1.66 -7.21 2.41
N PHE A 469 -2.65 -7.78 3.12
CA PHE A 469 -2.67 -7.70 4.59
C PHE A 469 -1.58 -8.59 5.24
N LEU A 470 -1.47 -9.85 4.81
CA LEU A 470 -0.47 -10.75 5.38
C LEU A 470 0.90 -10.48 4.81
N GLY A 471 0.95 -10.03 3.57
CA GLY A 471 2.18 -9.80 2.83
C GLY A 471 2.63 -11.05 2.11
N VAL A 472 3.42 -10.85 1.05
CA VAL A 472 3.75 -11.95 0.15
C VAL A 472 4.52 -13.05 0.86
N LYS A 473 5.44 -12.70 1.78
CA LYS A 473 6.23 -13.75 2.44
C LYS A 473 5.34 -14.64 3.31
N TRP A 474 4.48 -14.06 4.18
CA TRP A 474 3.68 -14.94 5.04
C TRP A 474 2.59 -15.65 4.22
N TYR A 475 2.01 -14.97 3.25
CA TYR A 475 1.00 -15.59 2.40
C TYR A 475 1.56 -16.86 1.73
N ASN A 476 2.73 -16.74 1.12
CA ASN A 476 3.33 -17.91 0.45
C ASN A 476 3.72 -18.97 1.44
N ALA A 477 4.20 -18.56 2.62
CA ALA A 477 4.58 -19.56 3.61
C ALA A 477 3.40 -20.36 4.09
N MET A 478 2.24 -19.71 4.25
CA MET A 478 1.08 -20.52 4.59
C MET A 478 0.54 -21.31 3.40
N LYS A 479 0.63 -20.82 2.17
CA LYS A 479 0.29 -21.67 1.03
C LYS A 479 1.19 -22.91 1.00
N ALA A 480 2.48 -22.74 1.28
CA ALA A 480 3.46 -23.82 1.22
C ALA A 480 3.07 -25.03 2.08
N LEU A 481 2.35 -24.83 3.21
CA LEU A 481 1.97 -25.97 4.07
C LEU A 481 0.75 -26.75 3.57
N THR A 482 0.05 -26.25 2.57
CA THR A 482 -1.14 -26.90 2.05
C THR A 482 -0.94 -27.54 0.68
N GLU A 483 0.03 -27.09 -0.11
CA GLU A 483 0.23 -27.67 -1.43
C GLU A 483 1.67 -27.44 -1.85
N ASP A 484 2.17 -28.32 -2.71
CA ASP A 484 3.43 -28.06 -3.39
C ASP A 484 3.18 -26.95 -4.40
N VAL A 485 3.97 -25.88 -4.30
CA VAL A 485 3.78 -24.70 -5.15
C VAL A 485 4.92 -24.71 -6.18
N LYS A 486 4.59 -25.19 -7.39
CA LYS A 486 5.55 -25.26 -8.49
C LYS A 486 5.94 -23.84 -8.88
N LEU A 487 7.21 -23.48 -8.68
CA LEU A 487 7.63 -22.11 -8.95
C LEU A 487 7.85 -21.90 -10.45
N PRO A 488 7.21 -20.90 -11.07
CA PRO A 488 7.37 -20.70 -12.51
C PRO A 488 8.81 -20.44 -12.91
N SER A 489 9.12 -20.80 -14.14
CA SER A 489 10.49 -20.76 -14.61
C SER A 489 10.98 -19.31 -14.77
N LYS A 490 12.18 -19.03 -14.27
CA LYS A 490 12.86 -17.78 -14.56
C LYS A 490 13.26 -17.66 -16.01
N ASN A 491 13.00 -18.67 -16.83
CA ASN A 491 13.33 -18.64 -18.24
C ASN A 491 12.14 -18.29 -19.12
N LYS A 492 10.98 -18.06 -18.52
CA LYS A 492 9.73 -17.76 -19.18
C LYS A 492 9.18 -16.45 -18.64
N VAL A 493 8.77 -15.55 -19.54
CA VAL A 493 8.07 -14.30 -19.18
C VAL A 493 6.61 -14.48 -19.49
N ARG A 494 5.78 -14.51 -18.45
CA ARG A 494 4.34 -14.47 -18.59
C ARG A 494 3.88 -13.01 -18.80
N TRP A 495 3.45 -12.69 -20.00
CA TRP A 495 3.08 -11.32 -20.35
C TRP A 495 1.62 -11.11 -20.02
N CYS A 496 1.30 -9.97 -19.42
CA CYS A 496 -0.09 -9.69 -19.03
C CYS A 496 -0.76 -8.86 -20.10
N THR A 497 -1.93 -9.29 -20.55
CA THR A 497 -2.58 -8.60 -21.66
C THR A 497 -3.89 -8.00 -21.17
N ILE A 498 -4.31 -6.88 -21.77
CA ILE A 498 -5.49 -6.17 -21.25
C ILE A 498 -6.70 -6.21 -22.16
N ASN A 499 -6.62 -6.82 -23.34
CA ASN A 499 -7.81 -7.05 -24.17
C ASN A 499 -7.58 -8.29 -25.03
N LYS A 500 -8.66 -8.74 -25.66
CA LYS A 500 -8.61 -9.97 -26.44
C LYS A 500 -7.67 -9.88 -27.63
N PRO A 501 -7.63 -8.80 -28.41
CA PRO A 501 -6.62 -8.75 -29.48
C PRO A 501 -5.20 -8.89 -28.97
N GLU A 502 -4.90 -8.25 -27.84
CA GLU A 502 -3.57 -8.37 -27.25
C GLU A 502 -3.25 -9.81 -26.88
N MET A 503 -4.20 -10.48 -26.22
CA MET A 503 -4.10 -11.90 -25.94
C MET A 503 -3.75 -12.68 -27.19
N MET A 504 -4.40 -12.34 -28.31
CA MET A 504 -4.23 -13.14 -29.52
C MET A 504 -2.85 -12.90 -30.12
N LYS A 505 -2.36 -11.64 -30.09
CA LYS A 505 -0.98 -11.41 -30.52
C LYS A 505 0.03 -12.08 -29.62
N CYS A 506 -0.28 -12.17 -28.32
CA CYS A 506 0.69 -12.78 -27.42
C CYS A 506 0.72 -14.31 -27.60
N LYS A 507 -0.41 -14.92 -27.98
CA LYS A 507 -0.42 -16.35 -28.31
C LYS A 507 0.41 -16.64 -29.56
N ASP A 508 0.35 -15.76 -30.55
CA ASP A 508 1.29 -15.85 -31.68
C ASP A 508 2.74 -15.68 -31.29
N TRP A 509 3.05 -14.75 -30.38
CA TRP A 509 4.44 -14.64 -29.91
C TRP A 509 4.85 -15.91 -29.20
N ALA A 510 3.97 -16.44 -28.37
CA ALA A 510 4.34 -17.64 -27.61
C ALA A 510 4.67 -18.78 -28.56
N ALA A 511 3.92 -18.93 -29.65
CA ALA A 511 4.13 -20.07 -30.56
C ALA A 511 5.50 -20.03 -31.24
N VAL A 512 6.05 -18.83 -31.53
CA VAL A 512 7.38 -18.71 -32.16
C VAL A 512 8.50 -18.63 -31.14
N SER A 513 8.18 -18.44 -29.86
CA SER A 513 9.19 -18.01 -28.90
C SER A 513 10.00 -19.17 -28.36
N GLY A 514 9.57 -20.38 -28.66
CA GLY A 514 10.21 -21.54 -28.07
C GLY A 514 9.97 -21.71 -26.59
N GLY A 515 8.84 -21.21 -26.06
CA GLY A 515 8.53 -21.29 -24.63
C GLY A 515 9.04 -20.12 -23.79
N ALA A 516 9.82 -19.20 -24.35
CA ALA A 516 10.24 -18.02 -23.61
C ALA A 516 9.07 -17.10 -23.25
N ILE A 517 7.94 -17.14 -23.96
CA ILE A 517 6.86 -16.17 -23.76
C ILE A 517 5.59 -16.96 -23.44
N ALA A 518 4.83 -16.52 -22.43
CA ALA A 518 3.47 -17.04 -22.21
C ALA A 518 2.56 -15.85 -21.94
N CYS A 519 1.28 -16.08 -21.74
CA CYS A 519 0.29 -15.00 -21.75
C CYS A 519 -0.66 -15.17 -20.60
N THR A 520 -1.06 -14.03 -20.00
CA THR A 520 -2.15 -14.02 -19.05
C THR A 520 -3.10 -12.91 -19.45
N GLU A 521 -4.30 -12.93 -18.87
CA GLU A 521 -5.35 -12.01 -19.26
C GLU A 521 -5.84 -11.23 -18.05
N ALA A 522 -5.97 -9.92 -18.19
CA ALA A 522 -6.60 -9.11 -17.16
C ALA A 522 -7.39 -8.03 -17.86
N SER A 523 -8.21 -7.30 -17.11
CA SER A 523 -9.10 -6.36 -17.78
C SER A 523 -8.53 -4.95 -17.94
N CYS A 524 -7.43 -4.62 -17.26
CA CYS A 524 -6.93 -3.25 -17.27
C CYS A 524 -5.53 -3.26 -16.69
N PRO A 525 -4.76 -2.20 -16.98
CA PRO A 525 -3.35 -2.18 -16.56
C PRO A 525 -3.17 -2.31 -15.05
N GLU A 526 -4.07 -1.73 -14.26
CA GLU A 526 -3.94 -1.90 -12.81
C GLU A 526 -4.08 -3.36 -12.41
N HIS A 527 -4.99 -4.13 -13.08
CA HIS A 527 -5.11 -5.53 -12.70
C HIS A 527 -3.87 -6.34 -13.12
N CYS A 528 -3.17 -5.91 -14.18
CA CYS A 528 -1.88 -6.50 -14.53
C CYS A 528 -0.83 -6.27 -13.44
N VAL A 529 -0.76 -5.05 -12.92
CA VAL A 529 0.16 -4.78 -11.80
C VAL A 529 -0.13 -5.71 -10.62
N LYS A 530 -1.41 -5.88 -10.26
CA LYS A 530 -1.78 -6.86 -9.23
C LYS A 530 -1.29 -8.26 -9.54
N GLN A 531 -1.47 -8.73 -10.78
CA GLN A 531 -1.04 -10.09 -11.09
C GLN A 531 0.46 -10.23 -10.94
N ILE A 532 1.21 -9.22 -11.38
CA ILE A 532 2.66 -9.29 -11.26
C ILE A 532 3.07 -9.31 -9.77
N LEU A 533 2.50 -8.39 -8.96
CA LEU A 533 2.73 -8.43 -7.49
C LEU A 533 2.44 -9.80 -6.91
N LYS A 534 1.32 -10.45 -7.30
CA LYS A 534 0.97 -11.75 -6.73
C LYS A 534 1.64 -12.95 -7.40
N GLY A 535 2.56 -12.76 -8.36
CA GLY A 535 3.24 -13.90 -8.99
C GLY A 535 2.45 -14.69 -10.04
N GLU A 536 1.38 -14.09 -10.59
CA GLU A 536 0.56 -14.66 -11.64
C GLU A 536 1.02 -14.21 -13.02
N ALA A 537 1.78 -13.13 -13.12
CA ALA A 537 2.35 -12.70 -14.38
C ALA A 537 3.72 -12.12 -14.10
N ASP A 538 4.43 -11.77 -15.16
CA ASP A 538 5.79 -11.28 -15.04
C ASP A 538 6.04 -9.90 -15.60
N ALA A 539 5.25 -9.43 -16.55
CA ALA A 539 5.65 -8.16 -17.17
C ALA A 539 4.45 -7.57 -17.89
N VAL A 540 4.48 -6.26 -18.09
CA VAL A 540 3.39 -5.55 -18.76
C VAL A 540 3.96 -4.21 -19.15
N THR A 541 3.48 -3.65 -20.26
CA THR A 541 3.88 -2.30 -20.65
C THR A 541 2.90 -1.32 -20.06
N LEU A 542 3.39 -0.22 -19.46
CA LEU A 542 2.48 0.73 -18.83
C LEU A 542 2.60 2.11 -19.42
N ASP A 543 1.43 2.76 -19.64
CA ASP A 543 1.42 4.19 -19.94
C ASP A 543 1.97 4.99 -18.76
N VAL A 544 2.40 6.23 -19.02
CA VAL A 544 2.96 7.09 -17.98
C VAL A 544 2.00 7.25 -16.81
N GLN A 545 0.71 7.40 -17.09
CA GLN A 545 -0.30 7.64 -16.08
C GLN A 545 -0.48 6.48 -15.09
N TYR A 546 0.16 5.35 -15.30
CA TYR A 546 0.07 4.26 -14.34
C TYR A 546 1.38 4.03 -13.61
N MET A 547 2.45 4.71 -14.03
CA MET A 547 3.74 4.36 -13.45
C MET A 547 3.88 4.82 -12.00
N TYR A 548 3.23 5.90 -11.61
CA TYR A 548 3.34 6.29 -10.19
C TYR A 548 2.80 5.19 -9.32
N MET A 549 1.66 4.62 -9.70
CA MET A 549 1.09 3.56 -8.88
C MET A 549 1.95 2.30 -8.92
N ALA A 550 2.52 1.96 -10.08
CA ALA A 550 3.34 0.76 -10.18
C ALA A 550 4.61 0.89 -9.33
N LEU A 551 5.28 2.05 -9.41
CA LEU A 551 6.51 2.27 -8.63
C LEU A 551 6.25 2.32 -7.11
N MET A 552 5.15 2.95 -6.66
CA MET A 552 4.75 2.87 -5.23
C MET A 552 4.53 1.44 -4.78
N CYS A 553 3.96 0.59 -5.64
CA CYS A 553 3.76 -0.78 -5.18
C CYS A 553 5.06 -1.59 -5.22
N GLY A 554 6.14 -1.01 -5.68
CA GLY A 554 7.40 -1.72 -5.63
C GLY A 554 7.84 -2.43 -6.89
N LEU A 555 7.12 -2.27 -8.01
CA LEU A 555 7.63 -2.77 -9.28
C LEU A 555 8.70 -1.83 -9.82
N LEU A 556 9.53 -2.33 -10.74
CA LEU A 556 10.62 -1.56 -11.30
C LEU A 556 10.56 -1.56 -12.83
N PRO A 557 10.94 -0.48 -13.49
CA PRO A 557 11.11 -0.57 -14.95
C PRO A 557 12.20 -1.58 -15.28
N ALA A 558 11.88 -2.54 -16.14
CA ALA A 558 12.90 -3.44 -16.71
C ALA A 558 13.52 -2.87 -17.98
N VAL A 559 12.70 -2.56 -18.98
CA VAL A 559 13.13 -1.94 -20.22
C VAL A 559 12.08 -0.86 -20.53
N GLU A 560 12.42 0.02 -21.47
CA GLU A 560 11.51 1.11 -21.84
C GLU A 560 11.37 1.18 -23.37
N GLU A 561 10.22 1.68 -23.85
CA GLU A 561 10.01 1.90 -25.28
C GLU A 561 10.73 3.14 -25.76
N TYR A 562 11.66 2.98 -26.71
CA TYR A 562 12.43 4.07 -27.33
C TYR A 562 11.73 4.50 -28.61
N PRO A 563 11.25 5.75 -28.73
CA PRO A 563 10.35 6.10 -29.83
C PRO A 563 10.95 7.00 -30.92
N ASN A 564 12.26 7.23 -30.89
CA ASN A 564 12.91 8.22 -31.75
C ASN A 564 13.19 7.66 -33.14
N LYS A 565 12.39 8.06 -34.12
CA LYS A 565 12.53 7.53 -35.48
C LYS A 565 13.82 7.98 -36.17
N ASP A 566 14.43 9.08 -35.74
CA ASP A 566 15.55 9.64 -36.49
C ASP A 566 16.87 8.95 -36.19
N ASP A 567 17.01 8.32 -35.03
CA ASP A 567 18.26 7.70 -34.62
C ASP A 567 17.98 6.27 -34.21
N PHE A 568 18.58 5.34 -34.95
CA PHE A 568 18.46 3.93 -34.66
C PHE A 568 19.73 3.38 -34.05
N HIS A 569 20.73 4.23 -33.84
CA HIS A 569 21.99 3.74 -33.27
C HIS A 569 21.83 3.09 -31.90
N PRO A 570 21.05 3.64 -30.96
CA PRO A 570 20.86 2.91 -29.68
C PRO A 570 20.18 1.58 -29.84
N CYS A 571 19.42 1.38 -30.92
CA CYS A 571 18.81 0.09 -31.20
C CYS A 571 19.76 -0.88 -31.89
N GLN A 572 20.57 -0.37 -32.82
CA GLN A 572 21.57 -1.18 -33.51
C GLN A 572 22.60 -1.75 -32.52
N ILE A 573 23.38 -0.88 -31.89
CA ILE A 573 24.33 -1.29 -30.85
C ILE A 573 23.73 -1.04 -29.49
N PRO A 574 23.21 -2.05 -28.79
CA PRO A 574 22.72 -1.84 -27.42
C PRO A 574 23.82 -1.31 -26.52
N GLY A 575 23.41 -0.54 -25.49
CA GLY A 575 24.31 0.02 -24.49
C GLY A 575 24.91 1.36 -24.85
N SER A 576 24.86 1.76 -26.13
CA SER A 576 25.51 2.99 -26.55
C SER A 576 24.72 4.20 -26.03
N THR A 577 25.32 5.38 -26.21
CA THR A 577 24.83 6.62 -25.60
C THR A 577 23.69 7.19 -26.43
N ILE A 578 22.57 7.47 -25.77
CA ILE A 578 21.39 8.00 -26.46
C ILE A 578 21.51 9.52 -26.50
N LYS A 579 21.54 10.08 -27.71
CA LYS A 579 21.65 11.53 -27.83
C LYS A 579 20.34 12.21 -27.46
N ASP A 580 19.23 11.62 -27.89
CA ASP A 580 17.89 12.17 -27.68
C ASP A 580 16.93 11.00 -27.62
N PHE A 581 16.40 10.73 -26.43
CA PHE A 581 15.44 9.64 -26.29
C PHE A 581 14.21 9.85 -27.15
N GLY A 582 13.80 11.10 -27.35
CA GLY A 582 12.77 11.34 -28.33
C GLY A 582 11.36 11.41 -27.83
N THR A 583 11.13 11.46 -26.51
CA THR A 583 9.76 11.56 -26.02
C THR A 583 9.22 12.96 -26.30
N LYS A 584 7.92 13.13 -26.11
CA LYS A 584 7.32 14.44 -26.28
C LYS A 584 7.82 15.41 -25.19
N ARG A 585 7.85 16.71 -25.50
CA ARG A 585 8.12 17.76 -24.51
C ARG A 585 6.91 18.66 -24.49
N ALA A 586 6.27 18.78 -23.32
CA ALA A 586 5.16 19.72 -23.21
C ALA A 586 5.75 21.13 -23.19
N VAL A 587 5.17 22.04 -23.98
CA VAL A 587 5.62 23.43 -24.07
C VAL A 587 4.40 24.32 -23.97
N ALA A 588 4.65 25.59 -23.59
CA ALA A 588 3.62 26.63 -23.69
C ALA A 588 3.93 27.48 -24.92
N LEU A 589 3.02 27.43 -25.90
CA LEU A 589 3.25 27.97 -27.25
C LEU A 589 2.51 29.29 -27.40
N VAL A 590 3.26 30.36 -27.72
CA VAL A 590 2.69 31.70 -27.89
C VAL A 590 3.18 32.30 -29.19
N LYS A 591 2.44 33.32 -29.64
CA LYS A 591 2.81 34.08 -30.85
C LYS A 591 3.93 35.08 -30.56
N LYS A 592 4.86 35.22 -31.51
CA LYS A 592 5.93 36.22 -31.44
C LYS A 592 5.37 37.64 -31.33
N SER A 593 4.20 37.87 -31.93
CA SER A 593 3.53 39.16 -31.90
C SER A 593 3.25 39.63 -30.48
N ASN A 594 2.57 38.79 -29.69
CA ASN A 594 2.20 39.06 -28.30
C ASN A 594 3.46 38.92 -27.45
N LYS A 595 4.15 40.04 -27.23
CA LYS A 595 5.45 39.99 -26.55
C LYS A 595 5.35 40.30 -25.06
N ASP A 596 4.15 40.58 -24.53
CA ASP A 596 4.03 40.81 -23.09
C ASP A 596 3.89 39.52 -22.29
N ILE A 597 3.35 38.46 -22.90
CA ILE A 597 3.01 37.24 -22.19
C ILE A 597 4.29 36.53 -21.73
N LYS A 598 4.39 36.26 -20.43
CA LYS A 598 5.45 35.46 -19.85
C LYS A 598 4.80 34.34 -19.05
N TRP A 599 5.62 33.39 -18.56
CA TRP A 599 5.06 32.30 -17.77
C TRP A 599 4.37 32.84 -16.52
N ASN A 600 5.04 33.75 -15.80
CA ASN A 600 4.52 34.18 -14.50
C ASN A 600 3.27 35.06 -14.59
N ASN A 601 2.69 35.32 -15.76
CA ASN A 601 1.49 36.17 -15.79
C ASN A 601 0.35 35.55 -16.61
N LEU A 602 0.44 34.25 -16.91
CA LEU A 602 -0.67 33.59 -17.61
C LEU A 602 -1.99 33.69 -16.89
N LYS A 603 -2.03 34.12 -15.65
CA LYS A 603 -3.32 34.13 -14.97
C LYS A 603 -4.29 35.08 -15.68
N GLY A 604 -5.53 34.63 -15.86
CA GLY A 604 -6.55 35.39 -16.55
C GLY A 604 -6.50 35.34 -18.08
N LYS A 605 -5.35 34.99 -18.68
CA LYS A 605 -5.22 34.94 -20.13
C LYS A 605 -6.16 33.88 -20.74
N LYS A 606 -6.15 33.80 -22.07
CA LYS A 606 -6.93 32.82 -22.82
C LYS A 606 -6.03 31.73 -23.36
N SER A 607 -6.40 30.48 -23.11
CA SER A 607 -5.51 29.35 -23.32
C SER A 607 -6.22 28.26 -24.10
N CYS A 608 -5.43 27.49 -24.83
CA CYS A 608 -5.92 26.41 -25.66
C CYS A 608 -5.29 25.09 -25.22
N HIS A 609 -6.13 24.11 -24.89
CA HIS A 609 -5.67 22.80 -24.45
C HIS A 609 -6.13 21.73 -25.43
N THR A 610 -5.23 20.78 -25.75
CA THR A 610 -5.59 19.64 -26.61
C THR A 610 -6.88 18.96 -26.15
N HIS A 611 -6.95 18.58 -24.87
CA HIS A 611 -8.20 18.12 -24.20
C HIS A 611 -7.87 17.81 -22.75
N VAL A 612 -8.89 17.83 -21.90
CA VAL A 612 -8.66 17.45 -20.49
C VAL A 612 -8.20 16.00 -20.45
N GLY A 613 -7.22 15.72 -19.55
CA GLY A 613 -6.63 14.40 -19.39
C GLY A 613 -5.37 14.15 -20.20
N ASP A 614 -5.14 14.92 -21.24
CA ASP A 614 -3.92 14.78 -22.00
C ASP A 614 -2.72 15.17 -21.12
N ILE A 615 -1.64 14.41 -21.18
CA ILE A 615 -0.54 14.68 -20.29
C ILE A 615 0.12 15.98 -20.74
N PRO A 616 0.66 16.09 -21.96
CA PRO A 616 1.33 17.36 -22.32
C PRO A 616 0.38 18.55 -22.42
N GLY A 617 -0.88 18.36 -22.76
CA GLY A 617 -1.74 19.53 -22.88
C GLY A 617 -2.56 19.90 -21.66
N TRP A 618 -2.51 19.09 -20.60
CA TRP A 618 -3.38 19.32 -19.45
C TRP A 618 -2.78 18.91 -18.11
N VAL A 619 -2.34 17.65 -17.97
CA VAL A 619 -1.86 17.17 -16.67
C VAL A 619 -0.62 17.95 -16.24
N ILE A 620 0.32 18.19 -17.17
CA ILE A 620 1.54 18.93 -16.84
C ILE A 620 1.20 20.40 -16.57
N PRO A 621 0.41 21.08 -17.39
CA PRO A 621 0.02 22.46 -17.06
C PRO A 621 -0.83 22.60 -15.80
N ALA A 622 -1.87 21.78 -15.65
CA ALA A 622 -2.62 21.80 -14.42
C ALA A 622 -1.73 21.55 -13.22
N GLY A 623 -0.70 20.70 -13.37
CA GLY A 623 0.14 20.37 -12.24
C GLY A 623 0.99 21.53 -11.79
N LEU A 624 1.60 22.24 -12.74
CA LEU A 624 2.46 23.34 -12.38
C LEU A 624 1.64 24.50 -11.81
N ILE A 625 0.43 24.69 -12.33
CA ILE A 625 -0.42 25.80 -11.89
C ILE A 625 -0.91 25.58 -10.46
N SER A 626 -1.34 24.36 -10.12
CA SER A 626 -1.72 24.10 -8.74
C SER A 626 -0.52 24.14 -7.80
N ASN A 627 0.68 23.79 -8.27
CA ASN A 627 1.85 23.84 -7.40
C ASN A 627 2.24 25.25 -7.03
N GLN A 628 1.92 26.21 -7.90
CA GLN A 628 2.32 27.60 -7.74
C GLN A 628 1.18 28.53 -7.33
N ASN A 629 -0.05 28.03 -7.20
CA ASN A 629 -1.21 28.87 -6.90
C ASN A 629 -2.18 28.17 -5.96
N ASP A 630 -1.64 27.38 -5.02
CA ASP A 630 -2.42 26.82 -3.88
C ASP A 630 -3.59 25.97 -4.34
N ASN A 631 -3.35 25.16 -5.37
CA ASN A 631 -4.34 24.22 -5.92
C ASN A 631 -5.60 24.93 -6.37
N ILE A 632 -5.44 26.08 -7.06
CA ILE A 632 -6.58 26.80 -7.62
C ILE A 632 -7.01 26.07 -8.89
N ASP A 633 -8.32 26.08 -9.11
CA ASP A 633 -8.87 25.44 -10.31
C ASP A 633 -8.17 26.00 -11.53
N ILE A 634 -7.69 25.09 -12.38
CA ILE A 634 -7.23 25.52 -13.69
C ILE A 634 -8.39 26.08 -14.51
N GLU A 635 -9.62 25.76 -14.13
CA GLU A 635 -10.79 26.41 -14.72
C GLU A 635 -10.88 27.87 -14.30
N SER A 636 -10.64 28.15 -13.03
CA SER A 636 -10.67 29.54 -12.57
C SER A 636 -9.40 30.31 -12.93
N PHE A 637 -8.27 29.63 -13.14
CA PHE A 637 -7.00 30.36 -13.32
C PHE A 637 -7.02 31.17 -14.61
N PHE A 638 -7.49 30.57 -15.69
CA PHE A 638 -7.49 31.26 -16.96
C PHE A 638 -8.75 32.09 -17.11
N GLY A 639 -8.73 33.02 -18.08
CA GLY A 639 -9.95 33.66 -18.51
C GLY A 639 -10.77 32.70 -19.35
N GLU A 640 -11.09 33.12 -20.56
CA GLU A 640 -11.80 32.25 -21.48
C GLU A 640 -10.81 31.31 -22.12
N SER A 641 -11.21 30.04 -22.27
CA SER A 641 -10.29 29.05 -22.79
C SER A 641 -11.04 28.00 -23.60
N CYS A 642 -10.27 27.16 -24.29
CA CYS A 642 -10.80 25.98 -24.94
C CYS A 642 -10.04 24.74 -24.48
N ALA A 643 -10.78 23.81 -23.87
CA ALA A 643 -10.21 22.55 -23.40
C ALA A 643 -11.30 21.50 -23.52
N PRO A 644 -11.32 20.77 -24.64
CA PRO A 644 -12.39 19.81 -24.89
C PRO A 644 -12.47 18.78 -23.77
N GLY A 645 -13.70 18.50 -23.32
CA GLY A 645 -13.94 17.64 -22.19
C GLY A 645 -14.50 18.36 -20.98
N SER A 646 -14.21 19.66 -20.85
CA SER A 646 -14.82 20.47 -19.82
C SER A 646 -16.33 20.58 -20.05
N ASP A 647 -17.05 21.11 -19.06
CA ASP A 647 -18.47 21.33 -19.23
C ASP A 647 -18.71 22.51 -20.17
N THR A 648 -19.67 22.35 -21.08
CA THR A 648 -19.89 23.35 -22.15
C THR A 648 -20.22 24.74 -21.61
N ASN A 649 -20.73 24.85 -20.38
CA ASN A 649 -21.10 26.14 -19.81
C ASN A 649 -19.90 26.86 -19.18
N SER A 650 -18.89 26.13 -18.73
CA SER A 650 -17.75 26.74 -18.04
C SER A 650 -16.95 27.63 -18.99
N LYS A 651 -16.16 28.52 -18.40
CA LYS A 651 -15.30 29.41 -19.18
C LYS A 651 -14.24 28.67 -19.97
N LEU A 652 -14.09 27.36 -19.73
CA LEU A 652 -13.09 26.58 -20.45
C LEU A 652 -13.60 26.10 -21.79
N CYS A 653 -14.86 26.38 -22.11
CA CYS A 653 -15.43 26.01 -23.41
C CYS A 653 -15.82 27.22 -24.24
N LYS A 654 -15.44 28.43 -23.82
CA LYS A 654 -15.92 29.61 -24.52
C LYS A 654 -15.24 29.79 -25.87
N LEU A 655 -13.90 29.71 -25.91
CA LEU A 655 -13.21 29.72 -27.19
C LEU A 655 -13.59 28.56 -28.09
N CYS A 656 -14.14 27.48 -27.54
CA CYS A 656 -14.37 26.26 -28.32
C CYS A 656 -15.42 26.52 -29.39
N ILE A 657 -14.97 26.50 -30.65
CA ILE A 657 -15.85 26.77 -31.79
C ILE A 657 -16.95 25.72 -31.90
N GLY A 658 -16.56 24.47 -32.01
CA GLY A 658 -17.47 23.42 -32.43
C GLY A 658 -17.17 23.01 -33.85
N ASP A 659 -18.21 22.45 -34.52
CA ASP A 659 -18.06 21.93 -35.87
C ASP A 659 -18.54 22.98 -36.88
N PRO A 660 -17.72 23.36 -37.88
CA PRO A 660 -18.17 24.37 -38.87
C PRO A 660 -19.41 23.97 -39.70
N GLU A 661 -19.67 22.67 -39.93
CA GLU A 661 -20.95 22.24 -40.51
C GLU A 661 -21.94 22.01 -39.36
N ASN A 662 -22.44 23.13 -38.83
CA ASN A 662 -23.15 23.17 -37.55
C ASN A 662 -24.27 22.11 -37.48
N PRO A 663 -24.35 21.32 -36.39
CA PRO A 663 -25.37 20.27 -36.25
C PRO A 663 -26.74 20.83 -35.83
N SER A 666 -24.18 19.11 -29.74
CA SER A 666 -23.98 20.12 -30.77
C SER A 666 -22.51 20.26 -31.20
N THR A 667 -21.67 19.27 -30.86
CA THR A 667 -20.25 19.18 -31.25
C THR A 667 -19.36 20.28 -30.64
N ARG A 668 -19.83 21.01 -29.63
CA ARG A 668 -19.00 22.03 -28.98
C ARG A 668 -18.36 21.46 -27.72
N CYS A 669 -17.04 21.67 -27.58
CA CYS A 669 -16.28 21.18 -26.42
C CYS A 669 -16.37 19.66 -26.29
N SER A 670 -16.46 18.96 -27.42
CA SER A 670 -16.62 17.51 -27.42
C SER A 670 -15.26 16.85 -27.66
N LEU A 671 -15.17 15.62 -27.19
CA LEU A 671 -13.94 14.82 -27.30
C LEU A 671 -13.84 14.10 -28.64
N SER A 672 -14.03 14.85 -29.75
CA SER A 672 -14.00 14.28 -31.09
C SER A 672 -13.36 15.29 -32.05
N ASP A 673 -13.23 14.87 -33.31
CA ASP A 673 -12.83 15.81 -34.34
C ASP A 673 -13.95 16.77 -34.69
N LYS A 674 -15.19 16.46 -34.27
CA LYS A 674 -16.33 17.38 -34.37
C LYS A 674 -16.10 18.69 -33.63
N GLU A 675 -15.00 18.82 -32.86
CA GLU A 675 -14.57 20.08 -32.30
C GLU A 675 -13.37 20.58 -33.10
N ALA A 676 -13.50 21.78 -33.67
CA ALA A 676 -12.43 22.32 -34.49
C ALA A 676 -11.14 22.48 -33.70
N TYR A 677 -11.24 22.68 -32.39
CA TYR A 677 -10.08 22.99 -31.58
C TYR A 677 -9.52 21.80 -30.82
N TYR A 678 -10.10 20.61 -31.00
CA TYR A 678 -9.64 19.41 -30.32
C TYR A 678 -8.30 18.91 -30.87
N GLY A 679 -7.49 18.33 -29.97
CA GLY A 679 -6.26 17.64 -30.33
C GLY A 679 -5.08 18.56 -30.50
N ASN A 680 -3.97 17.96 -30.95
CA ASN A 680 -2.71 18.70 -31.07
C ASN A 680 -2.79 19.80 -32.12
N GLU A 681 -3.35 19.48 -33.28
CA GLU A 681 -3.52 20.51 -34.30
C GLU A 681 -4.61 21.49 -33.88
N GLY A 682 -5.71 20.98 -33.31
CA GLY A 682 -6.82 21.84 -32.91
C GLY A 682 -6.43 22.90 -31.89
N ALA A 683 -5.63 22.52 -30.89
CA ALA A 683 -5.14 23.49 -29.92
C ALA A 683 -4.27 24.54 -30.61
N PHE A 684 -3.48 24.12 -31.60
CA PHE A 684 -2.65 25.10 -32.29
C PHE A 684 -3.52 26.06 -33.09
N ARG A 685 -4.60 25.54 -33.69
CA ARG A 685 -5.61 26.39 -34.32
C ARG A 685 -6.10 27.47 -33.37
N CYS A 686 -6.66 27.05 -32.23
CA CYS A 686 -7.19 27.99 -31.25
C CYS A 686 -6.17 29.06 -30.89
N LEU A 687 -4.88 28.71 -30.89
CA LEU A 687 -3.87 29.73 -30.57
C LEU A 687 -3.92 30.86 -31.59
N VAL A 688 -3.69 30.51 -32.86
CA VAL A 688 -3.54 31.51 -33.92
C VAL A 688 -4.84 32.28 -34.14
N GLU A 689 -5.98 31.59 -34.02
CA GLU A 689 -7.27 32.24 -34.21
C GLU A 689 -7.61 33.21 -33.07
N LYS A 690 -7.60 32.73 -31.80
CA LYS A 690 -8.17 33.55 -30.75
C LYS A 690 -7.59 33.29 -29.35
N GLY A 691 -6.31 32.92 -29.23
CA GLY A 691 -5.74 32.61 -27.94
C GLY A 691 -4.37 33.22 -27.73
N ASP A 692 -4.00 33.32 -26.44
CA ASP A 692 -2.67 33.81 -26.07
C ASP A 692 -1.67 32.70 -25.87
N VAL A 693 -2.14 31.50 -25.51
CA VAL A 693 -1.24 30.39 -25.23
C VAL A 693 -1.94 29.08 -25.53
N ALA A 694 -1.15 28.12 -26.05
CA ALA A 694 -1.62 26.76 -26.25
C ALA A 694 -0.68 25.76 -25.58
N PHE A 695 -1.26 24.74 -24.94
CA PHE A 695 -0.49 23.68 -24.26
C PHE A 695 -0.49 22.42 -25.12
N VAL A 696 0.69 22.06 -25.61
CA VAL A 696 0.83 21.11 -26.70
C VAL A 696 2.19 20.44 -26.63
N PRO A 697 2.34 19.27 -27.26
CA PRO A 697 3.68 18.72 -27.45
C PRO A 697 4.47 19.61 -28.40
N HIS A 698 5.79 19.54 -28.27
CA HIS A 698 6.71 20.44 -28.95
C HIS A 698 6.67 20.26 -30.46
N THR A 699 6.15 19.13 -30.94
CA THR A 699 6.14 18.79 -32.36
C THR A 699 5.04 19.49 -33.14
N VAL A 700 4.00 20.00 -32.47
CA VAL A 700 2.81 20.47 -33.17
C VAL A 700 3.10 21.70 -34.03
N VAL A 701 3.91 22.64 -33.51
CA VAL A 701 4.17 23.86 -34.26
C VAL A 701 4.89 23.53 -35.57
N PHE A 702 5.94 22.70 -35.52
CA PHE A 702 6.66 22.33 -36.75
C PHE A 702 5.76 21.56 -37.71
N ALA A 703 4.80 20.80 -37.20
CA ALA A 703 3.90 20.03 -38.04
C ALA A 703 2.86 20.88 -38.75
N ASN A 704 2.65 22.14 -38.37
CA ASN A 704 1.62 22.99 -38.97
C ASN A 704 2.13 24.33 -39.46
N THR A 705 3.43 24.58 -39.43
CA THR A 705 4.05 25.78 -39.96
C THR A 705 4.82 25.42 -41.22
N ASP A 706 5.50 26.43 -41.79
CA ASP A 706 6.30 26.19 -42.99
C ASP A 706 5.48 25.49 -44.06
N GLY A 707 4.20 25.87 -44.17
CA GLY A 707 3.25 25.29 -45.09
C GLY A 707 3.23 23.78 -45.07
N LYS A 708 3.39 23.18 -43.88
CA LYS A 708 3.34 21.73 -43.78
C LYS A 708 1.90 21.23 -43.74
N ASN A 709 0.99 22.06 -43.29
CA ASN A 709 -0.42 21.72 -43.35
C ASN A 709 -1.06 22.51 -44.46
N PRO A 710 -1.84 21.85 -45.33
CA PRO A 710 -2.38 22.54 -46.51
C PRO A 710 -3.53 23.47 -46.20
N ALA A 711 -4.29 23.20 -45.13
CA ALA A 711 -5.56 23.89 -44.93
C ALA A 711 -5.36 25.41 -44.86
N GLU A 712 -6.48 26.13 -45.04
CA GLU A 712 -6.42 27.57 -45.30
C GLU A 712 -5.98 28.36 -44.07
N TRP A 713 -6.41 27.93 -42.87
CA TRP A 713 -5.96 28.59 -41.64
C TRP A 713 -4.45 28.46 -41.50
N ALA A 714 -3.89 27.28 -41.81
CA ALA A 714 -2.45 27.10 -41.80
C ALA A 714 -1.79 27.91 -42.90
N LYS A 715 -2.16 27.63 -44.16
CA LYS A 715 -1.71 28.40 -45.32
C LYS A 715 -0.19 28.59 -45.30
N ASP A 716 0.25 29.61 -44.55
CA ASP A 716 1.66 29.93 -44.43
C ASP A 716 2.08 29.64 -42.97
N LEU A 717 2.05 30.64 -42.09
CA LEU A 717 2.31 30.52 -40.66
C LEU A 717 3.73 30.04 -40.41
N LYS A 718 4.68 30.95 -40.36
CA LYS A 718 6.07 30.55 -40.24
C LYS A 718 6.38 30.18 -38.78
N SER A 719 7.22 29.14 -38.59
CA SER A 719 7.56 28.70 -37.24
C SER A 719 8.15 29.84 -36.40
N GLU A 720 8.99 30.68 -37.01
CA GLU A 720 9.61 31.83 -36.34
C GLU A 720 8.60 32.90 -35.94
N ASP A 721 7.30 32.73 -36.24
CA ASP A 721 6.24 33.59 -35.70
C ASP A 721 5.78 33.15 -34.30
N PHE A 722 6.45 32.16 -33.69
CA PHE A 722 6.07 31.65 -32.39
C PHE A 722 7.30 31.39 -31.55
N GLU A 723 7.07 31.43 -30.23
CA GLU A 723 8.07 31.07 -29.22
C GLU A 723 7.40 30.21 -28.15
N ILE A 724 8.22 29.67 -27.26
CA ILE A 724 7.74 28.92 -26.11
C ILE A 724 8.16 29.64 -24.83
N LEU A 725 7.30 29.57 -23.81
CA LEU A 725 7.58 30.19 -22.51
C LEU A 725 8.40 29.27 -21.61
N CYS A 726 9.49 29.82 -21.05
CA CYS A 726 10.27 29.13 -20.03
C CYS A 726 9.76 29.46 -18.63
N LEU A 727 9.97 28.51 -17.73
CA LEU A 727 9.45 28.66 -16.37
C LEU A 727 10.09 29.82 -15.62
N ASP A 728 11.21 30.39 -16.11
CA ASP A 728 11.90 31.49 -15.44
C ASP A 728 11.45 32.86 -15.95
N GLY A 729 10.33 32.95 -16.66
CA GLY A 729 9.86 34.22 -17.18
C GLY A 729 10.38 34.58 -18.56
N SER A 730 11.47 33.97 -19.02
CA SER A 730 12.03 34.25 -20.34
C SER A 730 11.24 33.53 -21.45
N ARG A 731 11.71 33.67 -22.70
CA ARG A 731 11.14 33.00 -23.87
C ARG A 731 12.28 32.46 -24.75
N ALA A 732 11.93 31.65 -25.74
CA ALA A 732 12.92 31.06 -26.64
C ALA A 732 12.24 30.62 -27.93
N PRO A 733 12.98 30.54 -29.04
CA PRO A 733 12.37 30.06 -30.29
C PRO A 733 11.90 28.62 -30.13
N VAL A 734 10.83 28.27 -30.85
CA VAL A 734 10.21 26.97 -30.69
C VAL A 734 11.16 25.81 -30.89
N THR A 735 12.37 26.06 -31.43
CA THR A 735 13.37 25.01 -31.65
C THR A 735 14.07 24.58 -30.36
N ASN A 736 14.20 25.45 -29.35
CA ASN A 736 14.94 25.08 -28.13
C ASN A 736 14.05 24.40 -27.08
N TYR A 737 13.19 23.47 -27.50
CA TYR A 737 12.27 22.81 -26.57
C TYR A 737 13.00 21.93 -25.54
N ARG A 738 14.24 21.50 -25.83
CA ARG A 738 14.98 20.67 -24.88
C ARG A 738 15.42 21.43 -23.64
N GLY A 739 15.50 22.76 -23.69
CA GLY A 739 15.95 23.51 -22.55
C GLY A 739 14.90 24.48 -22.05
N CYS A 740 13.77 24.64 -22.82
CA CYS A 740 12.71 25.60 -22.47
C CYS A 740 11.32 24.95 -22.68
N ASN A 741 10.97 24.02 -21.78
CA ASN A 741 9.69 23.34 -21.82
C ASN A 741 9.09 23.34 -20.42
N LEU A 742 7.78 23.01 -20.35
CA LEU A 742 7.11 22.74 -19.07
C LEU A 742 7.61 21.42 -18.47
N SER A 743 7.47 20.31 -19.21
CA SER A 743 8.20 19.10 -18.83
C SER A 743 8.31 18.14 -20.01
N GLY A 744 9.43 17.43 -20.11
CA GLY A 744 9.48 16.24 -20.96
C GLY A 744 8.78 15.05 -20.30
N LEU A 745 8.13 14.23 -21.11
CA LEU A 745 7.54 12.98 -20.63
C LEU A 745 8.60 11.87 -20.53
N PRO A 746 8.49 10.99 -19.55
CA PRO A 746 9.33 9.80 -19.53
C PRO A 746 8.78 8.81 -20.55
N PRO A 747 9.56 7.83 -20.97
CA PRO A 747 9.03 6.83 -21.92
C PRO A 747 8.14 5.83 -21.21
N ARG A 748 7.32 5.14 -22.00
CA ARG A 748 6.59 4.02 -21.47
C ARG A 748 7.59 2.95 -21.05
N ALA A 749 7.21 2.17 -20.03
CA ALA A 749 8.10 1.21 -19.44
C ALA A 749 7.42 -0.14 -19.31
N ILE A 750 8.25 -1.17 -19.43
CA ILE A 750 7.88 -2.55 -19.13
C ILE A 750 8.30 -2.79 -17.69
N VAL A 751 7.34 -3.03 -16.79
CA VAL A 751 7.62 -3.16 -15.36
C VAL A 751 7.58 -4.64 -14.97
N THR A 752 8.31 -5.00 -13.92
CA THR A 752 8.26 -6.34 -13.31
C THR A 752 8.64 -6.24 -11.83
N ARG A 753 8.69 -7.39 -11.15
CA ARG A 753 9.14 -7.47 -9.76
C ARG A 753 10.63 -7.21 -9.70
N GLU A 754 11.12 -6.67 -8.57
CA GLU A 754 12.54 -6.33 -8.51
C GLU A 754 13.42 -7.56 -8.76
N GLU A 755 13.10 -8.68 -8.15
CA GLU A 755 13.98 -9.83 -8.30
C GLU A 755 13.88 -10.46 -9.70
N SER A 756 12.95 -10.01 -10.57
CA SER A 756 12.79 -10.61 -11.89
C SER A 756 13.32 -9.71 -12.98
N VAL A 757 13.79 -8.50 -12.63
CA VAL A 757 14.25 -7.55 -13.62
C VAL A 757 15.32 -8.18 -14.51
N SER A 758 16.30 -8.86 -13.92
CA SER A 758 17.41 -9.30 -14.75
C SER A 758 16.96 -10.39 -15.74
N ASP A 759 16.09 -11.30 -15.29
CA ASP A 759 15.48 -12.31 -16.17
C ASP A 759 14.68 -11.69 -17.30
N VAL A 760 13.76 -10.78 -16.98
CA VAL A 760 12.91 -10.15 -18.01
C VAL A 760 13.76 -9.38 -19.01
N VAL A 761 14.79 -8.67 -18.54
CA VAL A 761 15.67 -7.94 -19.47
C VAL A 761 16.36 -8.92 -20.43
N ARG A 762 16.84 -10.05 -19.89
CA ARG A 762 17.58 -10.99 -20.72
C ARG A 762 16.64 -11.62 -21.77
N ILE A 763 15.46 -12.06 -21.34
CA ILE A 763 14.52 -12.72 -22.25
C ILE A 763 14.00 -11.75 -23.31
N LEU A 764 13.66 -10.52 -22.90
CA LEU A 764 13.13 -9.55 -23.88
C LEU A 764 14.20 -9.09 -24.86
N ILE A 765 15.44 -8.86 -24.40
CA ILE A 765 16.48 -8.45 -25.34
C ILE A 765 16.75 -9.56 -26.35
N ASN A 766 16.68 -10.82 -25.90
CA ASN A 766 16.86 -11.90 -26.85
C ASN A 766 15.70 -11.93 -27.84
N GLN A 767 14.46 -11.87 -27.34
CA GLN A 767 13.32 -11.85 -28.25
C GLN A 767 13.44 -10.73 -29.28
N GLN A 768 13.99 -9.60 -28.85
CA GLN A 768 14.09 -8.46 -29.74
C GLN A 768 15.15 -8.66 -30.83
N SER A 769 16.18 -9.45 -30.56
CA SER A 769 17.17 -9.67 -31.62
C SER A 769 16.61 -10.57 -32.70
N LEU A 770 15.55 -11.32 -32.40
CA LEU A 770 14.85 -12.19 -33.33
C LEU A 770 13.69 -11.48 -34.00
N TYR A 771 12.87 -10.75 -33.24
CA TYR A 771 11.60 -10.26 -33.77
C TYR A 771 11.42 -8.75 -33.66
N GLY A 772 12.47 -8.02 -33.34
CA GLY A 772 12.44 -6.56 -33.41
C GLY A 772 12.58 -6.10 -34.85
N ARG A 773 12.77 -4.78 -35.01
CA ARG A 773 12.71 -4.17 -36.34
C ARG A 773 13.88 -4.60 -37.24
N ASN A 774 15.00 -4.96 -36.64
CA ASN A 774 16.09 -5.60 -37.35
C ASN A 774 16.29 -7.04 -36.90
N GLY A 775 15.20 -7.70 -36.49
CA GLY A 775 15.32 -9.05 -35.96
C GLY A 775 15.88 -10.02 -37.00
N PHE A 776 16.70 -10.95 -36.54
CA PHE A 776 17.21 -12.00 -37.42
C PHE A 776 16.09 -12.85 -37.99
N GLU A 777 15.00 -13.05 -37.23
CA GLU A 777 13.84 -13.82 -37.70
C GLU A 777 12.61 -12.97 -37.86
N LYS A 778 12.78 -11.73 -38.33
CA LYS A 778 11.60 -10.86 -38.36
C LYS A 778 10.58 -11.28 -39.39
N ASP A 779 10.88 -12.26 -40.25
CA ASP A 779 9.83 -12.77 -41.10
C ASP A 779 8.93 -13.76 -40.38
N MET A 780 9.37 -14.29 -39.24
CA MET A 780 8.48 -15.17 -38.50
C MET A 780 7.54 -14.45 -37.53
N PHE A 781 7.90 -13.25 -37.10
CA PHE A 781 7.05 -12.54 -36.13
C PHE A 781 7.62 -11.16 -35.90
N GLN A 782 6.74 -10.14 -35.82
CA GLN A 782 7.17 -8.78 -35.48
C GLN A 782 6.63 -8.32 -34.13
N MET A 783 7.53 -7.93 -33.22
CA MET A 783 7.02 -7.51 -31.91
C MET A 783 6.27 -6.19 -31.99
N PHE A 784 6.66 -5.29 -32.87
CA PHE A 784 6.12 -3.93 -32.84
C PHE A 784 5.05 -3.62 -33.89
N SER A 785 4.32 -4.63 -34.36
CA SER A 785 3.17 -4.39 -35.24
C SER A 785 2.21 -5.57 -35.13
N SER A 786 1.02 -5.42 -35.71
CA SER A 786 0.11 -6.56 -35.76
C SER A 786 -1.03 -6.25 -36.69
N ALA A 787 -1.52 -7.30 -37.36
CA ALA A 787 -2.77 -7.18 -38.10
C ALA A 787 -3.98 -7.23 -37.19
N LYS A 788 -3.82 -7.70 -35.97
CA LYS A 788 -4.96 -7.85 -35.07
C LYS A 788 -5.43 -6.54 -34.44
N GLY A 789 -4.69 -5.45 -34.59
CA GLY A 789 -5.06 -4.20 -33.97
C GLY A 789 -3.87 -3.27 -33.90
N GLN A 790 -4.11 -2.10 -33.32
CA GLN A 790 -3.07 -1.09 -33.16
C GLN A 790 -2.51 -1.09 -31.74
N ASN A 791 -1.18 -0.97 -31.64
CA ASN A 791 -0.49 -0.79 -30.35
C ASN A 791 -0.80 -1.93 -29.38
N LEU A 792 -0.69 -3.16 -29.85
CA LEU A 792 -0.94 -4.32 -29.01
C LEU A 792 0.36 -4.72 -28.33
N LEU A 793 0.36 -4.72 -26.98
CA LEU A 793 1.46 -5.12 -26.10
C LEU A 793 2.50 -4.01 -25.97
N PHE A 794 2.91 -3.46 -27.13
CA PHE A 794 3.86 -2.36 -27.27
C PHE A 794 3.25 -1.34 -28.22
N ASN A 795 3.72 -0.11 -28.13
CA ASN A 795 3.27 0.91 -29.07
C ASN A 795 3.89 0.65 -30.46
N ASP A 796 3.08 0.84 -31.50
CA ASP A 796 3.51 0.43 -32.85
C ASP A 796 4.68 1.28 -33.36
N GLU A 797 4.88 2.50 -32.85
CA GLU A 797 6.02 3.32 -33.28
C GLU A 797 7.28 3.07 -32.47
N THR A 798 7.28 2.06 -31.60
CA THR A 798 8.47 1.78 -30.80
C THR A 798 9.60 1.37 -31.74
N GLN A 799 10.77 1.98 -31.56
CA GLN A 799 11.93 1.56 -32.36
C GLN A 799 12.58 0.32 -31.77
N CYS A 800 12.73 0.29 -30.46
CA CYS A 800 13.22 -0.90 -29.77
C CYS A 800 12.99 -0.66 -28.28
N LEU A 801 13.27 -1.71 -27.51
CA LEU A 801 13.22 -1.65 -26.06
C LEU A 801 14.64 -1.50 -25.56
N ILE A 802 14.87 -0.59 -24.60
CA ILE A 802 16.18 -0.29 -24.04
C ILE A 802 16.17 -0.56 -22.54
N GLU A 803 17.20 -1.26 -22.05
CA GLU A 803 17.31 -1.58 -20.65
C GLU A 803 17.29 -0.31 -19.78
N PHE A 804 16.53 -0.33 -18.67
CA PHE A 804 16.51 0.81 -17.76
C PHE A 804 17.79 0.74 -16.92
N ASP A 805 18.61 1.80 -17.00
CA ASP A 805 19.86 1.91 -16.22
C ASP A 805 19.48 2.53 -14.89
N ARG A 806 19.33 1.69 -13.88
CA ARG A 806 18.96 2.13 -12.55
C ARG A 806 20.09 2.97 -11.97
N GLN A 807 19.78 4.22 -11.58
CA GLN A 807 20.72 5.13 -10.90
C GLN A 807 20.59 5.00 -9.39
N PRO A 808 21.60 5.46 -8.62
CA PRO A 808 21.49 5.50 -7.14
C PRO A 808 20.73 6.76 -6.70
N LYS A 809 19.41 6.68 -6.81
CA LYS A 809 18.54 7.79 -6.43
C LYS A 809 17.11 7.23 -6.28
N ASP A 810 16.19 8.08 -5.85
CA ASP A 810 14.80 7.65 -5.67
C ASP A 810 14.23 7.20 -7.01
N ILE A 811 13.55 6.06 -7.02
CA ILE A 811 13.03 5.53 -8.30
C ILE A 811 12.03 6.50 -8.92
N MET A 812 11.23 7.21 -8.11
CA MET A 812 10.35 8.27 -8.66
C MET A 812 11.14 9.24 -9.50
N GLU A 813 12.20 9.80 -8.91
CA GLU A 813 12.98 10.77 -9.66
C GLU A 813 13.72 10.10 -10.82
N ASP A 814 14.24 8.90 -10.58
CA ASP A 814 14.94 8.13 -11.61
C ASP A 814 14.06 7.88 -12.83
N TYR A 815 12.82 7.42 -12.62
CA TYR A 815 12.01 7.06 -13.78
C TYR A 815 11.34 8.30 -14.38
N PHE A 816 10.76 9.18 -13.55
CA PHE A 816 10.03 10.31 -14.13
C PHE A 816 10.95 11.46 -14.58
N GLY A 817 12.17 11.52 -14.06
CA GLY A 817 12.91 12.78 -14.16
C GLY A 817 12.41 13.82 -13.14
N VAL A 818 13.30 14.68 -12.64
CA VAL A 818 12.91 15.54 -11.52
C VAL A 818 11.85 16.53 -11.96
N ARG A 819 11.91 17.02 -13.20
CA ARG A 819 10.92 18.00 -13.63
C ARG A 819 9.50 17.44 -13.60
N TYR A 820 9.28 16.31 -14.27
CA TYR A 820 7.94 15.73 -14.31
C TYR A 820 7.47 15.35 -12.91
N TYR A 821 8.33 14.70 -12.14
CA TYR A 821 7.99 14.31 -10.76
C TYR A 821 7.48 15.51 -9.94
N THR A 822 8.16 16.64 -10.07
CA THR A 822 7.80 17.87 -9.36
C THR A 822 6.51 18.47 -9.93
N ALA A 823 6.44 18.58 -11.25
CA ALA A 823 5.30 19.25 -11.88
C ALA A 823 3.98 18.51 -11.62
N VAL A 824 3.99 17.17 -11.67
CA VAL A 824 2.78 16.37 -11.62
C VAL A 824 2.48 15.85 -10.23
N TYR A 825 3.52 15.41 -9.48
CA TYR A 825 3.33 14.80 -8.16
C TYR A 825 3.92 15.63 -7.00
N SER A 826 4.35 16.87 -7.25
CA SER A 826 5.03 17.71 -6.24
C SER A 826 6.25 17.05 -5.65
N ALA A 827 6.86 16.17 -6.44
CA ALA A 827 8.01 15.39 -6.01
C ALA A 827 7.75 14.70 -4.66
N SER A 828 6.53 14.20 -4.47
CA SER A 828 6.09 13.58 -3.23
C SER A 828 5.76 12.09 -3.44
N ARG A 829 6.07 11.27 -2.43
CA ARG A 829 5.60 9.88 -2.38
C ARG A 829 4.26 9.72 -1.69
N SER A 830 3.50 10.81 -1.56
CA SER A 830 2.24 10.72 -0.83
C SER A 830 1.00 10.94 -1.69
N ALA A 831 1.14 11.15 -2.99
CA ALA A 831 -0.05 11.21 -3.85
C ALA A 831 -0.73 9.84 -3.94
N VAL A 832 -2.05 9.86 -4.16
CA VAL A 832 -2.84 8.64 -4.23
C VAL A 832 -3.66 8.66 -5.51
N PRO A 833 -3.05 8.57 -6.70
CA PRO A 833 -3.85 8.54 -7.92
C PRO A 833 -4.61 7.23 -8.10
N SER A 834 -4.43 6.24 -7.23
CA SER A 834 -5.13 4.98 -7.36
C SER A 834 -5.35 4.37 -5.96
N GLU A 835 -6.57 3.91 -5.64
CA GLU A 835 -6.86 3.37 -4.31
C GLU A 835 -6.14 2.05 -4.06
N LEU A 836 -5.42 1.55 -5.05
CA LEU A 836 -4.61 0.36 -4.81
C LEU A 836 -3.39 0.71 -3.96
N ILE A 837 -2.89 1.95 -4.09
CA ILE A 837 -1.63 2.34 -3.41
C ILE A 837 -1.67 2.10 -1.90
N PRO A 838 -2.73 2.51 -1.16
CA PRO A 838 -2.71 2.21 0.29
C PRO A 838 -2.71 0.74 0.58
N ALA A 839 -3.26 -0.11 -0.31
CA ALA A 839 -3.25 -1.54 -0.01
C ALA A 839 -1.89 -2.14 -0.32
N CYS A 840 -1.28 -1.76 -1.45
CA CYS A 840 -0.04 -2.40 -1.83
C CYS A 840 1.15 -1.82 -1.07
N THR A 841 1.00 -0.72 -0.34
CA THR A 841 2.09 -0.25 0.52
C THR A 841 1.88 -0.54 2.00
N PHE A 842 0.80 -1.23 2.36
CA PHE A 842 0.62 -1.69 3.72
C PHE A 842 1.81 -2.53 4.20
N LYS A 843 2.36 -2.24 5.41
CA LYS A 843 3.60 -2.87 5.89
C LYS A 843 3.33 -4.18 6.62
N HIS A 844 4.29 -5.09 6.58
CA HIS A 844 4.03 -6.44 7.05
C HIS A 844 4.97 -6.85 8.18
N CYS A 845 4.65 -7.98 8.78
CA CYS A 845 5.41 -8.52 9.90
C CYS A 845 6.11 -9.79 9.46
N SER A 846 7.16 -9.62 8.66
CA SER A 846 7.83 -10.76 8.00
C SER A 846 9.25 -10.93 8.52
N ASN A 847 9.79 -12.11 8.24
CA ASN A 847 11.13 -12.49 8.67
C ASN A 847 12.07 -12.64 7.47
N SER A 848 13.31 -13.05 7.74
CA SER A 848 14.32 -13.25 6.68
C SER A 848 15.03 -14.59 6.82
OH2 1PE B . 8.97 -26.39 2.04
C12 1PE B . 8.14 -26.06 3.14
C22 1PE B . 8.21 -24.58 3.45
OH3 1PE B . 7.60 -24.31 4.71
C13 1PE B . 7.33 -21.89 4.58
C23 1PE B . 6.65 -23.23 4.71
OH4 1PE B . 8.52 -21.83 5.39
C14 1PE B . 10.27 -20.48 6.40
C24 1PE B . 8.99 -20.50 5.65
OH5 1PE B . 10.09 -20.70 7.81
C15 1PE B . 11.97 -19.87 9.04
C25 1PE B . 11.30 -21.08 8.50
OH6 1PE B . 11.51 -19.64 10.37
C16 1PE B . 11.44 -17.48 11.34
C26 1PE B . 10.71 -18.47 10.50
OH7 1PE B . 12.52 -16.89 10.62
C01 YGQ C . 14.12 9.60 -17.00
C02 YGQ C . 15.14 10.62 -17.45
C03 YGQ C . 16.54 9.86 -17.38
C04 YGQ C . 16.18 8.32 -17.33
C06 YGQ C . 14.05 7.31 -17.97
C08 YGQ C . 15.93 6.76 -19.37
C09 YGQ C . 16.91 7.39 -18.36
C11 YGQ C . 17.42 6.66 -16.24
C14 YGQ C . 15.69 7.79 -20.46
C16 YGQ C . 17.12 9.26 -21.71
N05 YGQ C . 14.73 8.33 -17.45
N07 YGQ C . 14.66 6.39 -18.72
N10 YGQ C . 17.65 6.42 -17.53
N12 YGQ C . 16.64 7.73 -16.06
N13 YGQ C . 17.94 5.95 -15.26
N18 YGQ C . 18.34 9.37 -22.25
N19 YGQ C . 12.75 7.20 -17.71
O15 YGQ C . 16.97 8.05 -21.11
O17 YGQ C . 16.25 10.10 -21.73
O20 YGQ C . 17.36 10.25 -16.31
O21 YGQ C . 17.26 10.22 -18.52
O22 YGQ C . 15.07 11.78 -16.52
O24 YGQ C . 15.20 14.18 -16.04
O25 YGQ C . 16.83 13.06 -17.43
O26 YGQ C . 14.57 13.45 -18.22
S23 YGQ C . 15.43 13.23 -17.09
#